data_5Y5O
#
_entry.id   5Y5O
#
_cell.length_a   94.230
_cell.length_b   97.290
_cell.length_c   107.470
_cell.angle_alpha   90.00
_cell.angle_beta   90.00
_cell.angle_gamma   90.00
#
_symmetry.space_group_name_H-M   'P 21 21 21'
#
loop_
_entity.id
_entity.type
_entity.pdbx_description
1 polymer Wsv112
2 water water
#
_entity_poly.entity_id   1
_entity_poly.type   'polypeptide(L)'
_entity_poly.pdbx_seq_one_letter_code
;SNAMDSSASVVFMRFAPPGEETALPPRRATPGSVAYDLFPSEEMDIEPMGLAKISTGYGIDKFPDGCYGQIVSRSGMTWK
NNTSVPTGTIDVDYRGELKVILRNHSAEKSVPIRKGTSIAQLIFLRYCDVEEEQIVYINETTGERTIIDSSSKKDNKNQA
RSVRGTGGFGSTDN
;
_entity_poly.pdbx_strand_id   A,B,C,D,E,F
#
# COMPACT_ATOMS: atom_id res chain seq x y z
N SER A 6 13.90 14.57 10.24
CA SER A 6 13.10 14.54 9.02
C SER A 6 11.73 15.28 9.15
N SER A 7 11.21 15.41 10.40
CA SER A 7 9.93 16.02 10.73
C SER A 7 9.77 17.49 10.27
N ALA A 8 10.86 18.27 10.27
CA ALA A 8 10.83 19.68 9.85
C ALA A 8 11.89 19.95 8.76
N SER A 9 12.00 19.03 7.80
CA SER A 9 12.95 19.17 6.71
C SER A 9 12.30 19.09 5.33
N VAL A 10 12.80 19.92 4.41
CA VAL A 10 12.32 20.01 3.04
C VAL A 10 13.49 19.86 2.06
N VAL A 11 13.26 19.18 0.93
CA VAL A 11 14.25 19.05 -0.13
C VAL A 11 13.60 19.59 -1.38
N PHE A 12 14.19 20.62 -1.97
CA PHE A 12 13.71 21.18 -3.23
C PHE A 12 14.59 20.61 -4.32
N MET A 13 13.96 20.29 -5.44
CA MET A 13 14.60 19.73 -6.61
C MET A 13 14.75 20.84 -7.65
N ARG A 14 16.02 21.14 -8.03
CA ARG A 14 16.38 22.14 -9.01
C ARG A 14 16.28 21.49 -10.39
N PHE A 15 15.48 22.05 -11.27
CA PHE A 15 15.32 21.50 -12.61
C PHE A 15 16.46 21.88 -13.54
N ALA A 16 17.05 23.06 -13.37
CA ALA A 16 18.17 23.47 -14.21
C ALA A 16 19.49 22.88 -13.73
N PRO A 17 20.34 22.35 -14.63
CA PRO A 17 21.62 21.80 -14.18
C PRO A 17 22.50 22.85 -13.49
N PRO A 18 23.42 22.46 -12.59
CA PRO A 18 24.31 23.48 -12.00
C PRO A 18 25.14 24.17 -13.07
N GLY A 19 25.24 25.50 -12.96
CA GLY A 19 25.92 26.33 -13.94
C GLY A 19 25.01 26.93 -15.02
N GLU A 20 23.78 26.40 -15.13
CA GLU A 20 22.81 26.91 -16.08
C GLU A 20 21.95 27.98 -15.45
N GLU A 21 21.41 28.88 -16.28
CA GLU A 21 20.54 29.95 -15.86
C GLU A 21 19.25 29.42 -15.28
N THR A 22 18.87 29.87 -14.08
CA THR A 22 17.62 29.46 -13.47
C THR A 22 17.04 30.52 -12.56
N ALA A 23 15.82 30.24 -12.06
CA ALA A 23 15.12 31.10 -11.12
C ALA A 23 15.88 31.10 -9.79
N LEU A 24 15.70 32.15 -8.98
CA LEU A 24 16.29 32.22 -7.64
C LEU A 24 15.61 31.10 -6.85
N PRO A 25 16.32 30.38 -5.97
CA PRO A 25 15.69 29.24 -5.26
C PRO A 25 14.58 29.61 -4.26
N PRO A 26 13.66 28.70 -3.85
CA PRO A 26 12.68 29.08 -2.83
C PRO A 26 13.44 29.47 -1.56
N ARG A 27 13.04 30.61 -0.93
CA ARG A 27 13.70 31.12 0.28
C ARG A 27 12.81 31.95 1.15
N ARG A 28 12.95 31.73 2.45
CA ARG A 28 12.20 32.46 3.46
C ARG A 28 12.94 33.76 3.66
N ALA A 29 12.22 34.88 3.59
CA ALA A 29 12.78 36.21 3.67
C ALA A 29 13.35 36.58 5.04
N THR A 30 12.67 36.19 6.13
CA THR A 30 13.03 36.51 7.52
C THR A 30 12.91 35.27 8.43
N PRO A 31 13.44 35.30 9.68
CA PRO A 31 13.25 34.13 10.58
C PRO A 31 11.77 33.90 11.00
N GLY A 32 10.95 34.93 10.83
CA GLY A 32 9.53 34.84 11.15
C GLY A 32 8.67 34.45 9.97
N SER A 33 9.28 34.26 8.79
CA SER A 33 8.60 33.87 7.56
C SER A 33 8.07 32.45 7.65
N VAL A 34 6.76 32.34 7.41
CA VAL A 34 6.01 31.08 7.41
C VAL A 34 6.04 30.49 6.02
N ALA A 35 6.35 31.36 5.03
CA ALA A 35 6.38 30.95 3.61
C ALA A 35 7.71 31.24 2.88
N TYR A 36 8.01 30.40 1.94
CA TYR A 36 9.16 30.47 1.04
C TYR A 36 8.77 31.34 -0.13
N ASP A 37 9.60 32.33 -0.46
CA ASP A 37 9.35 33.17 -1.64
C ASP A 37 9.68 32.37 -2.91
N LEU A 38 8.79 32.45 -3.92
CA LEU A 38 8.98 31.76 -5.21
C LEU A 38 9.32 32.78 -6.27
N PHE A 39 10.22 32.41 -7.17
CA PHE A 39 10.71 33.30 -8.21
C PHE A 39 10.53 32.73 -9.61
N PRO A 40 10.37 33.58 -10.65
CA PRO A 40 10.21 33.05 -12.01
C PRO A 40 11.53 32.68 -12.71
N SER A 41 11.47 31.64 -13.56
CA SER A 41 12.59 31.16 -14.37
C SER A 41 12.79 32.13 -15.53
N GLU A 42 11.68 32.64 -16.07
CA GLU A 42 11.66 33.56 -17.20
C GLU A 42 10.87 34.83 -16.94
N GLU A 43 11.20 35.86 -17.70
CA GLU A 43 10.55 37.17 -17.63
C GLU A 43 9.43 37.26 -18.64
N MET A 44 8.33 37.87 -18.25
CA MET A 44 7.16 38.07 -19.11
C MET A 44 6.34 39.25 -18.64
N ASP A 45 5.38 39.67 -19.46
CA ASP A 45 4.44 40.72 -19.11
C ASP A 45 3.02 40.18 -19.25
N ILE A 46 2.29 40.05 -18.11
CA ILE A 46 0.92 39.53 -18.12
C ILE A 46 -0.03 40.62 -18.56
N GLU A 47 -0.62 40.45 -19.75
CA GLU A 47 -1.56 41.37 -20.37
C GLU A 47 -2.79 41.68 -19.46
N PRO A 48 -3.49 42.84 -19.63
CA PRO A 48 -4.69 43.11 -18.80
C PRO A 48 -5.69 41.94 -18.86
N MET A 49 -6.29 41.61 -17.70
CA MET A 49 -7.25 40.50 -17.50
C MET A 49 -6.64 39.09 -17.70
N GLY A 50 -5.32 39.01 -17.98
CA GLY A 50 -4.63 37.76 -18.26
C GLY A 50 -4.41 36.80 -17.10
N LEU A 51 -4.31 35.51 -17.44
CA LEU A 51 -4.04 34.40 -16.53
C LEU A 51 -2.74 33.72 -17.00
N ALA A 52 -1.72 33.73 -16.14
CA ALA A 52 -0.43 33.13 -16.48
C ALA A 52 -0.09 31.95 -15.57
N LYS A 53 0.66 31.00 -16.13
CA LYS A 53 1.19 29.81 -15.48
C LYS A 53 2.70 30.04 -15.55
N ILE A 54 3.30 30.45 -14.40
CA ILE A 54 4.71 30.80 -14.30
C ILE A 54 5.52 29.68 -13.66
N SER A 55 6.54 29.18 -14.41
CA SER A 55 7.49 28.17 -13.95
C SER A 55 8.44 28.80 -12.92
N THR A 56 8.72 28.05 -11.85
CA THR A 56 9.59 28.53 -10.75
C THR A 56 10.98 27.91 -10.76
N GLY A 57 11.21 26.93 -11.64
CA GLY A 57 12.49 26.23 -11.76
C GLY A 57 12.74 25.13 -10.75
N TYR A 58 11.80 24.92 -9.81
CA TYR A 58 11.93 23.95 -8.70
C TYR A 58 10.70 23.10 -8.48
N GLY A 59 10.95 21.91 -7.94
CA GLY A 59 9.93 20.97 -7.49
C GLY A 59 10.23 20.62 -6.05
N ILE A 60 9.32 19.91 -5.38
CA ILE A 60 9.53 19.47 -4.00
C ILE A 60 9.87 18.01 -4.05
N ASP A 61 11.10 17.68 -3.69
CA ASP A 61 11.56 16.28 -3.66
C ASP A 61 11.11 15.58 -2.37
N LYS A 62 11.11 16.31 -1.23
CA LYS A 62 10.72 15.79 0.07
C LYS A 62 9.96 16.83 0.85
N PHE A 63 8.75 16.47 1.31
CA PHE A 63 7.88 17.34 2.10
C PHE A 63 8.13 17.10 3.59
N PRO A 64 7.92 18.12 4.47
CA PRO A 64 7.99 17.83 5.91
C PRO A 64 6.83 16.88 6.28
N ASP A 65 7.00 16.07 7.33
CA ASP A 65 5.99 15.13 7.79
C ASP A 65 4.65 15.80 8.15
N GLY A 66 3.56 15.18 7.70
CA GLY A 66 2.19 15.66 7.92
C GLY A 66 1.83 16.96 7.19
N CYS A 67 2.69 17.39 6.24
CA CYS A 67 2.49 18.60 5.47
C CYS A 67 2.36 18.40 3.97
N TYR A 68 1.78 19.41 3.32
CA TYR A 68 1.61 19.55 1.87
C TYR A 68 1.96 21.02 1.57
N GLY A 69 2.16 21.34 0.29
CA GLY A 69 2.51 22.69 -0.15
C GLY A 69 1.35 23.49 -0.68
N GLN A 70 1.17 24.69 -0.14
CA GLN A 70 0.12 25.60 -0.59
C GLN A 70 0.81 26.86 -1.10
N ILE A 71 0.61 27.14 -2.39
CA ILE A 71 1.11 28.36 -3.02
C ILE A 71 0.03 29.43 -2.73
N VAL A 72 0.47 30.55 -2.16
CA VAL A 72 -0.39 31.67 -1.84
C VAL A 72 0.18 32.95 -2.44
N SER A 73 -0.66 33.96 -2.61
CA SER A 73 -0.25 35.27 -3.11
C SER A 73 0.57 36.00 -2.04
N ARG A 74 1.46 36.92 -2.48
CA ARG A 74 2.21 37.79 -1.61
C ARG A 74 1.36 39.03 -1.53
N SER A 75 1.36 39.72 -0.35
CA SER A 75 0.59 40.93 -0.20
C SER A 75 1.00 42.04 -1.11
N GLY A 76 2.30 42.29 -1.23
CA GLY A 76 2.88 43.35 -2.05
C GLY A 76 2.48 43.26 -3.50
N MET A 77 2.73 42.09 -4.13
CA MET A 77 2.43 41.70 -5.50
C MET A 77 0.90 41.82 -5.83
N THR A 78 0.00 41.48 -4.85
CA THR A 78 -1.46 41.61 -4.93
C THR A 78 -1.89 43.09 -4.97
N TRP A 79 -1.38 43.90 -4.03
CA TRP A 79 -1.74 45.30 -3.89
C TRP A 79 -1.14 46.19 -4.99
N LYS A 80 0.16 46.03 -5.28
CA LYS A 80 0.86 46.85 -6.27
C LYS A 80 0.48 46.57 -7.74
N ASN A 81 0.28 45.29 -8.08
CA ASN A 81 0.04 44.87 -9.44
C ASN A 81 -1.37 44.39 -9.72
N ASN A 82 -2.31 44.55 -8.77
CA ASN A 82 -3.71 44.12 -8.88
C ASN A 82 -3.86 42.64 -9.32
N THR A 83 -3.16 41.72 -8.62
CA THR A 83 -3.09 40.28 -8.93
C THR A 83 -3.67 39.38 -7.85
N SER A 84 -3.80 38.08 -8.17
CA SER A 84 -4.25 37.02 -7.26
C SER A 84 -3.71 35.68 -7.75
N VAL A 85 -3.62 34.70 -6.82
CA VAL A 85 -3.18 33.33 -7.07
C VAL A 85 -4.45 32.47 -6.92
N PRO A 86 -5.17 32.17 -8.02
CA PRO A 86 -6.46 31.43 -7.88
C PRO A 86 -6.38 29.95 -7.43
N THR A 87 -5.21 29.31 -7.59
CA THR A 87 -5.05 27.90 -7.23
C THR A 87 -3.60 27.67 -6.75
N GLY A 88 -3.37 26.63 -5.95
CA GLY A 88 -2.01 26.34 -5.49
C GLY A 88 -1.82 25.18 -4.55
N THR A 89 -2.68 24.16 -4.62
CA THR A 89 -2.59 22.96 -3.79
C THR A 89 -1.57 22.00 -4.40
N ILE A 90 -0.48 21.73 -3.67
CA ILE A 90 0.57 20.81 -4.11
C ILE A 90 0.46 19.54 -3.28
N ASP A 91 0.01 18.46 -3.92
CA ASP A 91 -0.11 17.16 -3.29
C ASP A 91 1.29 16.61 -2.96
N VAL A 92 1.34 15.79 -1.91
CA VAL A 92 2.57 15.15 -1.43
C VAL A 92 3.20 14.18 -2.47
N ASP A 93 2.44 13.79 -3.52
CA ASP A 93 2.93 12.91 -4.58
C ASP A 93 3.39 13.67 -5.83
N TYR A 94 3.27 15.00 -5.81
CA TYR A 94 3.65 15.83 -6.95
C TYR A 94 5.16 15.87 -7.16
N ARG A 95 5.53 15.40 -8.36
CA ARG A 95 6.88 15.15 -8.88
C ARG A 95 7.44 16.15 -9.91
N GLY A 96 6.58 17.05 -10.38
CA GLY A 96 6.97 18.08 -11.33
C GLY A 96 7.43 19.41 -10.74
N GLU A 97 7.62 20.36 -11.63
CA GLU A 97 8.04 21.71 -11.31
C GLU A 97 6.84 22.53 -10.81
N LEU A 98 7.04 23.29 -9.72
CA LEU A 98 6.03 24.21 -9.17
C LEU A 98 5.81 25.33 -10.17
N LYS A 99 4.53 25.59 -10.45
CA LYS A 99 4.07 26.61 -11.37
C LYS A 99 3.05 27.44 -10.64
N VAL A 100 3.24 28.75 -10.69
CA VAL A 100 2.36 29.71 -10.04
C VAL A 100 1.34 30.17 -11.05
N ILE A 101 0.06 30.12 -10.66
CA ILE A 101 -1.05 30.59 -11.50
C ILE A 101 -1.35 31.98 -10.99
N LEU A 102 -1.19 32.97 -11.86
CA LEU A 102 -1.34 34.37 -11.46
C LEU A 102 -2.28 35.09 -12.39
N ARG A 103 -3.34 35.70 -11.81
CA ARG A 103 -4.35 36.47 -12.54
C ARG A 103 -4.07 37.96 -12.41
N ASN A 104 -4.13 38.71 -13.52
CA ASN A 104 -3.97 40.18 -13.57
C ASN A 104 -5.36 40.77 -13.69
N HIS A 105 -5.85 41.43 -12.61
CA HIS A 105 -7.21 41.99 -12.55
C HIS A 105 -7.34 43.38 -13.19
N SER A 106 -6.20 43.99 -13.60
CA SER A 106 -6.21 45.30 -14.23
C SER A 106 -6.77 45.21 -15.63
N ALA A 107 -7.59 46.20 -16.00
CA ALA A 107 -8.19 46.28 -17.33
C ALA A 107 -7.30 47.11 -18.25
N GLU A 108 -6.28 47.78 -17.66
CA GLU A 108 -5.37 48.69 -18.38
C GLU A 108 -3.89 48.35 -18.29
N LYS A 109 -3.42 47.88 -17.12
CA LYS A 109 -1.99 47.65 -16.92
C LYS A 109 -1.55 46.19 -17.03
N SER A 110 -0.35 45.98 -17.58
CA SER A 110 0.23 44.65 -17.69
C SER A 110 1.07 44.40 -16.41
N VAL A 111 1.26 43.13 -16.05
CA VAL A 111 2.04 42.80 -14.86
C VAL A 111 3.46 42.36 -15.22
N PRO A 112 4.49 43.11 -14.76
CA PRO A 112 5.87 42.69 -15.06
C PRO A 112 6.34 41.52 -14.20
N ILE A 113 6.79 40.44 -14.86
CA ILE A 113 7.33 39.25 -14.20
C ILE A 113 8.84 39.33 -14.48
N ARG A 114 9.63 39.47 -13.40
CA ARG A 114 11.07 39.66 -13.49
C ARG A 114 11.81 38.69 -12.59
N LYS A 115 13.00 38.25 -13.06
CA LYS A 115 13.88 37.25 -12.44
C LYS A 115 14.08 37.39 -10.93
N GLY A 116 14.55 38.53 -10.45
CA GLY A 116 14.79 38.69 -9.02
C GLY A 116 13.63 39.05 -8.12
N THR A 117 12.41 39.16 -8.69
CA THR A 117 11.21 39.57 -7.95
C THR A 117 10.25 38.40 -7.74
N SER A 118 9.89 38.15 -6.46
CA SER A 118 9.01 37.06 -6.04
C SER A 118 7.61 37.27 -6.54
N ILE A 119 6.98 36.18 -7.01
CA ILE A 119 5.65 36.15 -7.64
C ILE A 119 4.59 35.53 -6.74
N ALA A 120 5.04 34.78 -5.72
CA ALA A 120 4.16 34.08 -4.77
C ALA A 120 4.97 33.52 -3.65
N GLN A 121 4.30 32.86 -2.73
CA GLN A 121 4.97 32.20 -1.65
C GLN A 121 4.37 30.83 -1.40
N LEU A 122 5.18 29.95 -0.82
CA LEU A 122 4.82 28.54 -0.56
C LEU A 122 4.86 28.25 0.92
N ILE A 123 3.72 27.77 1.44
CA ILE A 123 3.59 27.40 2.84
C ILE A 123 3.46 25.90 2.96
N PHE A 124 4.08 25.35 4.01
CA PHE A 124 3.96 23.94 4.36
C PHE A 124 2.91 23.85 5.46
N LEU A 125 1.67 23.50 5.08
CA LEU A 125 0.52 23.42 6.00
C LEU A 125 0.25 22.02 6.49
N ARG A 126 -0.07 21.89 7.78
CA ARG A 126 -0.42 20.59 8.38
C ARG A 126 -1.85 20.22 7.96
N TYR A 127 -2.01 19.04 7.37
CA TYR A 127 -3.32 18.54 6.94
C TYR A 127 -3.51 17.15 7.52
N CYS A 128 -4.73 16.63 7.49
CA CYS A 128 -5.00 15.27 7.93
C CYS A 128 -5.10 14.37 6.73
N ASP A 129 -4.24 13.34 6.72
CA ASP A 129 -4.22 12.30 5.70
C ASP A 129 -5.17 11.28 6.27
N VAL A 130 -6.44 11.36 5.83
CA VAL A 130 -7.52 10.53 6.33
C VAL A 130 -7.21 9.04 6.17
N GLU A 131 -7.35 8.29 7.27
CA GLU A 131 -7.13 6.83 7.30
C GLU A 131 -8.45 6.09 7.12
N GLU A 132 -9.55 6.60 7.71
CA GLU A 132 -10.86 5.96 7.64
C GLU A 132 -11.93 6.92 7.16
N GLU A 133 -12.75 6.51 6.19
CA GLU A 133 -13.87 7.33 5.71
C GLU A 133 -15.14 6.52 5.55
N GLN A 134 -16.29 7.19 5.73
CA GLN A 134 -17.64 6.63 5.67
C GLN A 134 -18.63 7.66 5.15
N ILE A 135 -19.56 7.21 4.32
CA ILE A 135 -20.67 7.99 3.79
C ILE A 135 -21.84 7.41 4.53
N VAL A 136 -22.62 8.27 5.21
CA VAL A 136 -23.78 7.82 5.97
C VAL A 136 -25.06 8.51 5.51
N TYR A 137 -26.16 7.77 5.53
CA TYR A 137 -27.47 8.31 5.25
C TYR A 137 -28.30 8.23 6.53
N ILE A 138 -28.95 9.31 6.90
CA ILE A 138 -29.78 9.32 8.09
C ILE A 138 -31.24 9.16 7.71
N ASN A 139 -31.82 8.03 8.15
CA ASN A 139 -33.22 7.66 7.98
C ASN A 139 -34.03 8.78 8.62
N GLU A 140 -34.93 9.44 7.86
CA GLU A 140 -35.68 10.63 8.31
C GLU A 140 -36.95 10.35 9.12
N THR A 141 -37.19 9.10 9.50
CA THR A 141 -38.36 8.75 10.31
C THR A 141 -37.86 8.30 11.69
N THR A 142 -36.71 7.59 11.70
CA THR A 142 -36.10 7.04 12.92
C THR A 142 -34.86 7.80 13.40
N GLY A 143 -34.16 8.43 12.46
CA GLY A 143 -32.89 9.07 12.75
C GLY A 143 -31.75 8.06 12.72
N GLU A 144 -32.07 6.79 12.34
CA GLU A 144 -31.15 5.67 12.24
C GLU A 144 -30.10 5.94 11.14
N ARG A 145 -28.85 5.75 11.50
CA ARG A 145 -27.76 5.96 10.57
C ARG A 145 -27.47 4.70 9.79
N THR A 146 -27.29 4.86 8.48
CA THR A 146 -27.03 3.76 7.55
C THR A 146 -25.72 4.06 6.82
N ILE A 147 -24.70 3.22 7.04
CA ILE A 147 -23.42 3.32 6.37
C ILE A 147 -23.64 2.93 4.89
N ILE A 148 -23.42 3.89 3.98
CA ILE A 148 -23.55 3.69 2.54
C ILE A 148 -22.30 3.00 2.00
N ASP A 149 -21.13 3.53 2.36
CA ASP A 149 -19.82 3.02 1.95
C ASP A 149 -18.78 3.40 2.98
N SER A 150 -17.70 2.64 3.04
CA SER A 150 -16.57 2.89 3.93
C SER A 150 -15.29 2.40 3.31
N SER A 151 -14.18 3.11 3.56
CA SER A 151 -12.87 2.73 3.05
C SER A 151 -11.72 3.07 3.99
N SER A 152 -10.65 2.25 3.93
CA SER A 152 -9.44 2.35 4.75
C SER A 152 -8.23 2.66 3.89
N LYS A 153 -7.29 3.47 4.41
CA LYS A 153 -6.08 3.83 3.70
C LYS A 153 -4.86 3.22 4.39
N SER B 6 -10.58 7.64 15.33
CA SER B 6 -11.18 8.97 15.47
C SER B 6 -10.28 10.14 15.03
N SER B 7 -8.97 10.06 15.30
CA SER B 7 -8.00 11.12 15.00
C SER B 7 -7.82 11.43 13.49
N ALA B 8 -7.93 10.40 12.63
CA ALA B 8 -7.77 10.55 11.19
C ALA B 8 -8.98 9.96 10.44
N SER B 9 -10.19 10.16 10.98
CA SER B 9 -11.41 9.65 10.35
C SER B 9 -12.43 10.74 10.01
N VAL B 10 -13.08 10.60 8.85
CA VAL B 10 -14.10 11.52 8.36
C VAL B 10 -15.41 10.79 8.03
N VAL B 11 -16.55 11.42 8.33
CA VAL B 11 -17.85 10.86 7.99
C VAL B 11 -18.56 11.90 7.13
N PHE B 12 -18.91 11.52 5.90
CA PHE B 12 -19.67 12.36 5.00
C PHE B 12 -21.11 11.95 5.09
N MET B 13 -22.00 12.91 5.08
CA MET B 13 -23.42 12.69 5.16
C MET B 13 -24.02 12.89 3.75
N ARG B 14 -24.67 11.84 3.19
CA ARG B 14 -25.32 11.86 1.89
C ARG B 14 -26.73 12.46 2.08
N PHE B 15 -27.06 13.54 1.36
CA PHE B 15 -28.36 14.18 1.50
C PHE B 15 -29.47 13.48 0.73
N ALA B 16 -29.16 12.95 -0.45
CA ALA B 16 -30.13 12.24 -1.28
C ALA B 16 -30.40 10.84 -0.76
N PRO B 17 -31.68 10.38 -0.83
CA PRO B 17 -32.00 9.02 -0.39
C PRO B 17 -31.29 7.95 -1.25
N PRO B 18 -30.97 6.77 -0.68
CA PRO B 18 -30.35 5.72 -1.52
C PRO B 18 -31.37 5.29 -2.58
N GLY B 19 -30.89 5.09 -3.79
CA GLY B 19 -31.79 4.70 -4.88
C GLY B 19 -32.00 5.87 -5.82
N GLU B 20 -32.04 7.09 -5.25
CA GLU B 20 -32.11 8.33 -5.99
C GLU B 20 -30.69 8.68 -6.51
N GLU B 21 -30.62 9.26 -7.72
CA GLU B 21 -29.39 9.69 -8.38
C GLU B 21 -28.99 11.01 -7.71
N THR B 22 -27.71 11.12 -7.32
CA THR B 22 -27.08 12.26 -6.64
C THR B 22 -25.67 12.49 -7.20
N ALA B 23 -24.95 13.47 -6.63
CA ALA B 23 -23.58 13.76 -7.03
C ALA B 23 -22.68 12.57 -6.68
N LEU B 24 -21.55 12.43 -7.40
CA LEU B 24 -20.54 11.40 -7.11
C LEU B 24 -19.99 11.78 -5.72
N PRO B 25 -19.70 10.80 -4.85
CA PRO B 25 -19.26 11.16 -3.47
C PRO B 25 -17.90 11.85 -3.38
N PRO B 26 -17.55 12.58 -2.27
CA PRO B 26 -16.22 13.17 -2.19
C PRO B 26 -15.21 12.03 -2.21
N ARG B 27 -14.15 12.18 -3.03
CA ARG B 27 -13.12 11.14 -3.17
C ARG B 27 -11.75 11.69 -3.46
N ARG B 28 -10.75 11.04 -2.89
CA ARG B 28 -9.37 11.41 -3.16
C ARG B 28 -8.98 10.72 -4.42
N ALA B 29 -8.39 11.47 -5.35
CA ALA B 29 -7.96 11.00 -6.66
C ALA B 29 -6.89 9.91 -6.63
N THR B 30 -5.86 10.07 -5.78
CA THR B 30 -4.71 9.16 -5.68
C THR B 30 -4.33 8.94 -4.20
N PRO B 31 -3.43 7.99 -3.86
CA PRO B 31 -2.97 7.87 -2.44
C PRO B 31 -2.15 9.09 -1.93
N GLY B 32 -1.64 9.89 -2.86
CA GLY B 32 -0.89 11.10 -2.54
C GLY B 32 -1.76 12.34 -2.43
N SER B 33 -3.08 12.18 -2.66
CA SER B 33 -4.05 13.28 -2.60
C SER B 33 -4.29 13.75 -1.17
N VAL B 34 -4.11 15.03 -0.96
CA VAL B 34 -4.29 15.68 0.32
C VAL B 34 -5.75 16.17 0.43
N ALA B 35 -6.46 16.20 -0.73
CA ALA B 35 -7.82 16.71 -0.85
C ALA B 35 -8.78 15.77 -1.57
N TYR B 36 -10.02 15.89 -1.20
CA TYR B 36 -11.16 15.14 -1.73
C TYR B 36 -11.76 15.93 -2.89
N ASP B 37 -11.96 15.28 -4.03
CA ASP B 37 -12.60 15.90 -5.19
C ASP B 37 -14.11 16.00 -4.91
N LEU B 38 -14.68 17.18 -5.22
CA LEU B 38 -16.11 17.45 -5.00
C LEU B 38 -16.77 17.50 -6.36
N PHE B 39 -17.99 16.97 -6.43
CA PHE B 39 -18.76 16.84 -7.66
C PHE B 39 -20.13 17.50 -7.52
N PRO B 40 -20.71 18.01 -8.63
CA PRO B 40 -22.02 18.66 -8.52
C PRO B 40 -23.24 17.70 -8.66
N SER B 41 -24.31 17.99 -7.89
CA SER B 41 -25.56 17.24 -7.89
C SER B 41 -26.30 17.43 -9.19
N GLU B 42 -26.23 18.66 -9.71
CA GLU B 42 -26.89 19.08 -10.95
C GLU B 42 -25.94 19.75 -11.93
N GLU B 43 -26.32 19.72 -13.21
CA GLU B 43 -25.55 20.31 -14.29
C GLU B 43 -26.07 21.71 -14.58
N MET B 44 -25.15 22.62 -14.91
CA MET B 44 -25.46 24.00 -15.23
C MET B 44 -24.35 24.60 -16.08
N ASP B 45 -24.60 25.78 -16.63
CA ASP B 45 -23.61 26.53 -17.38
C ASP B 45 -23.48 27.91 -16.76
N ILE B 46 -22.30 28.20 -16.15
CA ILE B 46 -22.05 29.49 -15.51
C ILE B 46 -21.74 30.52 -16.58
N GLU B 47 -22.66 31.47 -16.76
CA GLU B 47 -22.57 32.57 -17.71
C GLU B 47 -21.27 33.40 -17.53
N PRO B 48 -20.76 34.11 -18.58
CA PRO B 48 -19.57 34.95 -18.39
C PRO B 48 -19.73 35.92 -17.22
N MET B 49 -18.65 36.09 -16.42
CA MET B 49 -18.58 36.95 -15.22
C MET B 49 -19.47 36.45 -14.04
N GLY B 50 -20.12 35.30 -14.21
CA GLY B 50 -21.04 34.75 -13.23
C GLY B 50 -20.44 34.16 -11.97
N LEU B 51 -21.25 34.17 -10.90
CA LEU B 51 -20.92 33.61 -9.58
C LEU B 51 -21.99 32.55 -9.25
N ALA B 52 -21.55 31.31 -9.07
CA ALA B 52 -22.46 30.20 -8.81
C ALA B 52 -22.24 29.57 -7.46
N LYS B 53 -23.32 29.07 -6.88
CA LYS B 53 -23.39 28.33 -5.62
C LYS B 53 -23.84 26.92 -6.07
N ILE B 54 -22.88 25.98 -6.11
CA ILE B 54 -23.10 24.61 -6.59
C ILE B 54 -23.19 23.61 -5.45
N SER B 55 -24.33 22.90 -5.36
CA SER B 55 -24.60 21.86 -4.37
C SER B 55 -23.77 20.62 -4.69
N THR B 56 -23.18 19.99 -3.66
CA THR B 56 -22.35 18.80 -3.85
C THR B 56 -23.01 17.49 -3.43
N GLY B 57 -24.20 17.57 -2.83
CA GLY B 57 -24.99 16.42 -2.38
C GLY B 57 -24.57 15.85 -1.04
N TYR B 58 -23.46 16.39 -0.44
CA TYR B 58 -22.90 15.90 0.83
C TYR B 58 -22.56 16.99 1.83
N GLY B 59 -22.58 16.58 3.08
CA GLY B 59 -22.19 17.41 4.21
C GLY B 59 -21.16 16.62 4.99
N ILE B 60 -20.49 17.26 5.94
CA ILE B 60 -19.51 16.61 6.82
C ILE B 60 -20.22 16.33 8.13
N ASP B 61 -20.41 15.05 8.44
CA ASP B 61 -21.05 14.63 9.67
C ASP B 61 -20.03 14.61 10.82
N LYS B 62 -18.78 14.20 10.54
CA LYS B 62 -17.70 14.13 11.52
C LYS B 62 -16.38 14.55 10.89
N PHE B 63 -15.72 15.51 11.51
CA PHE B 63 -14.42 16.03 11.06
C PHE B 63 -13.30 15.28 11.75
N PRO B 64 -12.09 15.16 11.13
CA PRO B 64 -10.96 14.58 11.88
C PRO B 64 -10.61 15.53 13.04
N ASP B 65 -10.05 14.99 14.14
CA ASP B 65 -9.67 15.78 15.32
C ASP B 65 -8.70 16.93 14.99
N GLY B 66 -9.04 18.11 15.52
CA GLY B 66 -8.27 19.35 15.35
C GLY B 66 -8.29 19.94 13.95
N CYS B 67 -9.28 19.49 13.12
CA CYS B 67 -9.45 19.87 11.71
C CYS B 67 -10.73 20.57 11.37
N TYR B 68 -10.66 21.42 10.34
CA TYR B 68 -11.82 22.05 9.72
C TYR B 68 -11.68 21.80 8.19
N GLY B 69 -12.76 22.02 7.45
CA GLY B 69 -12.78 21.85 6.01
C GLY B 69 -12.57 23.14 5.24
N GLN B 70 -11.62 23.10 4.30
CA GLN B 70 -11.34 24.19 3.40
C GLN B 70 -11.57 23.71 1.97
N ILE B 71 -12.55 24.35 1.30
CA ILE B 71 -12.85 24.11 -0.10
C ILE B 71 -11.87 25.00 -0.87
N VAL B 72 -11.13 24.40 -1.80
CA VAL B 72 -10.16 25.12 -2.63
C VAL B 72 -10.42 24.80 -4.08
N SER B 73 -9.91 25.62 -4.99
CA SER B 73 -10.04 25.41 -6.43
C SER B 73 -9.15 24.26 -6.88
N ARG B 74 -9.55 23.60 -7.98
CA ARG B 74 -8.87 22.50 -8.69
C ARG B 74 -8.03 23.21 -9.78
N SER B 75 -6.76 22.83 -9.95
CA SER B 75 -5.80 23.47 -10.87
C SER B 75 -6.21 23.51 -12.33
N GLY B 76 -6.58 22.35 -12.91
CA GLY B 76 -7.03 22.21 -14.30
C GLY B 76 -8.31 23.00 -14.53
N MET B 77 -9.31 22.82 -13.67
CA MET B 77 -10.56 23.58 -13.69
C MET B 77 -10.27 25.13 -13.70
N THR B 78 -9.38 25.64 -12.79
CA THR B 78 -9.00 27.05 -12.71
C THR B 78 -8.34 27.57 -14.02
N TRP B 79 -7.27 26.92 -14.49
CA TRP B 79 -6.55 27.29 -15.72
C TRP B 79 -7.42 27.10 -16.99
N LYS B 80 -8.12 25.95 -17.13
CA LYS B 80 -8.91 25.60 -18.30
C LYS B 80 -10.17 26.42 -18.52
N ASN B 81 -10.91 26.68 -17.43
CA ASN B 81 -12.20 27.38 -17.49
C ASN B 81 -12.18 28.79 -16.93
N ASN B 82 -10.99 29.34 -16.62
CA ASN B 82 -10.82 30.69 -16.07
C ASN B 82 -11.72 30.94 -14.83
N THR B 83 -11.65 30.02 -13.84
CA THR B 83 -12.47 30.07 -12.62
C THR B 83 -11.64 30.25 -11.35
N SER B 84 -12.34 30.50 -10.23
CA SER B 84 -11.78 30.60 -8.89
C SER B 84 -12.86 30.26 -7.86
N VAL B 85 -12.44 29.89 -6.65
CA VAL B 85 -13.29 29.55 -5.51
C VAL B 85 -13.04 30.68 -4.49
N PRO B 86 -13.86 31.76 -4.51
CA PRO B 86 -13.59 32.91 -3.61
C PRO B 86 -13.80 32.70 -2.09
N THR B 87 -14.52 31.65 -1.71
CA THR B 87 -14.76 31.35 -0.28
C THR B 87 -14.86 29.82 -0.08
N GLY B 88 -14.54 29.33 1.11
CA GLY B 88 -14.64 27.90 1.36
C GLY B 88 -14.29 27.39 2.74
N THR B 89 -14.46 28.22 3.76
CA THR B 89 -14.20 27.87 5.14
C THR B 89 -15.42 27.14 5.69
N ILE B 90 -15.23 25.89 6.10
CA ILE B 90 -16.29 25.07 6.68
C ILE B 90 -15.96 24.89 8.16
N ASP B 91 -16.76 25.55 9.02
CA ASP B 91 -16.59 25.42 10.44
C ASP B 91 -16.97 24.01 10.91
N VAL B 92 -16.36 23.56 12.03
CA VAL B 92 -16.58 22.23 12.62
C VAL B 92 -18.04 22.01 13.09
N ASP B 93 -18.84 23.11 13.21
CA ASP B 93 -20.25 23.04 13.63
C ASP B 93 -21.20 23.04 12.45
N TYR B 94 -20.68 23.21 11.22
CA TYR B 94 -21.54 23.21 10.04
C TYR B 94 -22.02 21.78 9.68
N ARG B 95 -23.33 21.49 9.67
CA ARG B 95 -23.82 20.14 9.28
C ARG B 95 -24.55 20.14 7.93
N GLY B 96 -24.82 21.34 7.39
CA GLY B 96 -25.51 21.47 6.12
C GLY B 96 -24.73 20.88 4.95
N GLU B 97 -25.29 20.99 3.75
CA GLU B 97 -24.69 20.49 2.53
C GLU B 97 -23.57 21.44 2.07
N LEU B 98 -22.42 20.87 1.67
CA LEU B 98 -21.32 21.65 1.13
C LEU B 98 -21.76 22.19 -0.23
N LYS B 99 -21.56 23.50 -0.42
CA LYS B 99 -21.87 24.21 -1.64
C LYS B 99 -20.63 24.95 -2.03
N VAL B 100 -20.19 24.75 -3.28
CA VAL B 100 -19.00 25.37 -3.82
C VAL B 100 -19.40 26.69 -4.46
N ILE B 101 -18.68 27.77 -4.09
CA ILE B 101 -18.86 29.10 -4.68
C ILE B 101 -17.81 29.21 -5.77
N LEU B 102 -18.25 29.35 -7.01
CA LEU B 102 -17.35 29.34 -8.15
C LEU B 102 -17.60 30.55 -9.04
N ARG B 103 -16.53 31.34 -9.27
CA ARG B 103 -16.58 32.53 -10.12
C ARG B 103 -16.02 32.21 -11.51
N ASN B 104 -16.74 32.61 -12.57
CA ASN B 104 -16.31 32.50 -13.96
C ASN B 104 -15.71 33.86 -14.34
N HIS B 105 -14.38 33.94 -14.57
CA HIS B 105 -13.69 35.19 -14.91
C HIS B 105 -13.71 35.52 -16.39
N SER B 106 -14.21 34.59 -17.23
CA SER B 106 -14.28 34.81 -18.67
C SER B 106 -15.37 35.83 -19.01
N ALA B 107 -15.07 36.72 -19.95
CA ALA B 107 -16.03 37.73 -20.40
C ALA B 107 -16.78 37.21 -21.61
N GLU B 108 -16.34 36.06 -22.17
CA GLU B 108 -16.91 35.45 -23.36
C GLU B 108 -17.43 34.02 -23.21
N LYS B 109 -16.73 33.17 -22.43
CA LYS B 109 -17.09 31.76 -22.33
C LYS B 109 -17.87 31.38 -21.07
N SER B 110 -18.84 30.45 -21.23
CA SER B 110 -19.60 29.95 -20.09
C SER B 110 -18.85 28.73 -19.50
N VAL B 111 -19.04 28.44 -18.22
CA VAL B 111 -18.36 27.32 -17.58
C VAL B 111 -19.28 26.11 -17.47
N PRO B 112 -18.94 24.97 -18.13
CA PRO B 112 -19.80 23.80 -18.02
C PRO B 112 -19.62 23.06 -16.69
N ILE B 113 -20.71 22.90 -15.94
CA ILE B 113 -20.75 22.16 -14.69
C ILE B 113 -21.45 20.84 -15.04
N ARG B 114 -20.71 19.73 -14.91
CA ARG B 114 -21.15 18.40 -15.30
C ARG B 114 -20.95 17.38 -14.22
N LYS B 115 -21.89 16.42 -14.14
CA LYS B 115 -22.00 15.38 -13.11
C LYS B 115 -20.69 14.67 -12.75
N GLY B 116 -20.02 14.10 -13.73
CA GLY B 116 -18.79 13.34 -13.46
C GLY B 116 -17.49 14.10 -13.34
N THR B 117 -17.55 15.44 -13.49
CA THR B 117 -16.39 16.34 -13.45
C THR B 117 -16.32 17.14 -12.15
N SER B 118 -15.19 17.03 -11.46
CA SER B 118 -14.92 17.72 -10.21
C SER B 118 -14.85 19.25 -10.40
N ILE B 119 -15.46 19.97 -9.45
CA ILE B 119 -15.61 21.43 -9.45
C ILE B 119 -14.69 22.13 -8.47
N ALA B 120 -14.22 21.38 -7.46
CA ALA B 120 -13.35 21.86 -6.40
C ALA B 120 -12.83 20.71 -5.58
N GLN B 121 -12.04 21.02 -4.59
CA GLN B 121 -11.54 20.00 -3.71
C GLN B 121 -11.60 20.47 -2.28
N LEU B 122 -11.66 19.51 -1.35
CA LEU B 122 -11.80 19.77 0.08
C LEU B 122 -10.60 19.22 0.86
N ILE B 123 -9.96 20.09 1.64
CA ILE B 123 -8.84 19.74 2.49
C ILE B 123 -9.21 19.88 3.95
N PHE B 124 -8.71 18.94 4.75
CA PHE B 124 -8.87 18.96 6.19
C PHE B 124 -7.58 19.52 6.76
N LEU B 125 -7.60 20.81 7.16
CA LEU B 125 -6.47 21.56 7.69
C LEU B 125 -6.49 21.64 9.21
N ARG B 126 -5.32 21.52 9.84
CA ARG B 126 -5.19 21.64 11.31
C ARG B 126 -5.21 23.12 11.72
N TYR B 127 -6.13 23.47 12.62
CA TYR B 127 -6.28 24.85 13.10
C TYR B 127 -6.24 24.86 14.62
N CYS B 128 -6.10 26.06 15.20
CA CYS B 128 -6.16 26.21 16.65
C CYS B 128 -7.53 26.76 17.07
N ASP B 129 -8.19 25.99 17.95
CA ASP B 129 -9.46 26.34 18.53
C ASP B 129 -9.07 27.09 19.79
N VAL B 130 -9.01 28.41 19.65
CA VAL B 130 -8.54 29.33 20.69
C VAL B 130 -9.34 29.17 21.97
N GLU B 131 -8.63 28.96 23.10
CA GLU B 131 -9.22 28.82 24.42
C GLU B 131 -9.20 30.15 25.17
N GLU B 132 -8.12 30.94 25.02
CA GLU B 132 -7.97 32.21 25.72
C GLU B 132 -7.60 33.33 24.79
N GLU B 133 -8.30 34.46 24.89
CA GLU B 133 -7.98 35.64 24.10
C GLU B 133 -7.92 36.88 24.98
N GLN B 134 -6.97 37.70 24.67
CA GLN B 134 -6.67 38.88 25.41
C GLN B 134 -6.37 39.99 24.42
N ILE B 135 -6.87 41.18 24.68
CA ILE B 135 -6.55 42.34 23.89
C ILE B 135 -5.83 43.25 24.84
N VAL B 136 -4.65 43.68 24.42
CA VAL B 136 -3.77 44.48 25.26
C VAL B 136 -3.29 45.71 24.52
N TYR B 137 -3.07 46.81 25.27
CA TYR B 137 -2.45 48.02 24.79
C TYR B 137 -1.01 48.04 25.35
N ILE B 138 -0.03 48.17 24.46
CA ILE B 138 1.39 48.18 24.81
C ILE B 138 1.95 49.56 24.58
N ASN B 139 2.65 50.09 25.61
CA ASN B 139 3.31 51.38 25.51
C ASN B 139 4.60 51.20 24.69
N GLU B 140 4.92 52.17 23.85
CA GLU B 140 6.09 52.15 22.95
C GLU B 140 7.32 52.64 23.71
N THR B 141 7.08 53.59 24.63
CA THR B 141 8.04 54.20 25.53
C THR B 141 8.71 53.03 26.29
N THR B 142 7.99 52.44 27.24
CA THR B 142 8.36 51.26 28.01
C THR B 142 7.42 50.19 27.50
N GLY B 143 7.83 48.92 27.49
CA GLY B 143 6.97 47.84 27.03
C GLY B 143 5.79 47.51 27.92
N GLU B 144 5.36 48.46 28.79
CA GLU B 144 4.25 48.33 29.73
C GLU B 144 2.96 47.95 29.05
N ARG B 145 2.37 46.85 29.52
CA ARG B 145 1.16 46.23 28.97
C ARG B 145 -0.06 46.48 29.81
N THR B 146 -1.18 46.82 29.16
CA THR B 146 -2.45 47.06 29.84
C THR B 146 -3.53 46.20 29.18
N ILE B 147 -4.05 45.21 29.91
CA ILE B 147 -5.10 44.30 29.43
C ILE B 147 -6.38 45.11 29.29
N ILE B 148 -6.86 45.27 28.04
CA ILE B 148 -8.09 46.04 27.77
C ILE B 148 -9.29 45.16 28.01
N ASP B 149 -9.25 43.93 27.46
CA ASP B 149 -10.30 42.92 27.56
C ASP B 149 -9.72 41.52 27.38
N SER B 150 -10.43 40.49 27.89
CA SER B 150 -10.04 39.08 27.84
C SER B 150 -11.28 38.22 27.92
N SER B 151 -11.23 37.04 27.28
CA SER B 151 -12.32 36.05 27.30
C SER B 151 -11.84 34.60 27.19
N SER B 152 -12.61 33.67 27.78
CA SER B 152 -12.33 32.24 27.79
C SER B 152 -13.34 31.44 26.96
N SER C 6 -0.59 28.27 27.13
CA SER C 6 -0.12 29.12 26.03
C SER C 6 -0.35 28.52 24.62
N SER C 7 -0.52 27.18 24.53
CA SER C 7 -0.73 26.44 23.27
C SER C 7 -1.98 26.85 22.46
N ALA C 8 -3.06 27.30 23.14
CA ALA C 8 -4.30 27.72 22.50
C ALA C 8 -4.70 29.13 22.93
N SER C 9 -3.72 30.02 23.05
CA SER C 9 -3.97 31.40 23.46
C SER C 9 -3.46 32.42 22.46
N VAL C 10 -4.26 33.49 22.27
CA VAL C 10 -3.95 34.59 21.35
C VAL C 10 -4.02 35.94 22.07
N VAL C 11 -3.10 36.85 21.73
CA VAL C 11 -3.09 38.21 22.27
C VAL C 11 -3.16 39.14 21.09
N PHE C 12 -4.19 39.98 21.05
CA PHE C 12 -4.33 41.00 20.02
C PHE C 12 -3.83 42.30 20.62
N MET C 13 -3.13 43.07 19.79
CA MET C 13 -2.54 44.35 20.16
C MET C 13 -3.40 45.48 19.55
N ARG C 14 -3.92 46.33 20.42
CA ARG C 14 -4.74 47.48 20.06
C ARG C 14 -3.82 48.63 19.68
N PHE C 15 -4.00 49.18 18.46
CA PHE C 15 -3.13 50.26 18.00
C PHE C 15 -3.52 51.61 18.54
N ALA C 16 -4.84 51.90 18.57
CA ALA C 16 -5.33 53.18 19.08
C ALA C 16 -5.14 53.25 20.60
N PRO C 17 -4.67 54.40 21.14
CA PRO C 17 -4.56 54.54 22.60
C PRO C 17 -5.91 54.34 23.28
N PRO C 18 -5.92 53.80 24.53
CA PRO C 18 -7.20 53.61 25.22
C PRO C 18 -7.92 54.95 25.37
N GLY C 19 -9.20 54.95 25.06
CA GLY C 19 -10.01 56.15 25.11
C GLY C 19 -10.36 56.69 23.74
N GLU C 20 -9.63 56.29 22.71
CA GLU C 20 -9.88 56.77 21.36
C GLU C 20 -10.83 55.85 20.62
N GLU C 21 -11.67 56.43 19.72
CA GLU C 21 -12.55 55.61 18.88
C GLU C 21 -11.71 54.79 17.88
N THR C 22 -12.01 53.49 17.80
CA THR C 22 -11.29 52.54 16.96
C THR C 22 -12.27 51.46 16.47
N ALA C 23 -11.78 50.52 15.67
CA ALA C 23 -12.55 49.39 15.18
C ALA C 23 -12.94 48.49 16.33
N LEU C 24 -14.03 47.70 16.14
CA LEU C 24 -14.48 46.71 17.11
C LEU C 24 -13.34 45.68 17.17
N PRO C 25 -12.98 45.13 18.34
CA PRO C 25 -11.86 44.15 18.37
C PRO C 25 -12.12 42.84 17.62
N PRO C 26 -11.10 42.04 17.19
CA PRO C 26 -11.40 40.71 16.57
C PRO C 26 -12.28 39.90 17.50
N ARG C 27 -13.46 39.55 17.00
CA ARG C 27 -14.51 38.90 17.76
C ARG C 27 -14.72 37.48 17.27
N ARG C 28 -14.79 36.53 18.22
CA ARG C 28 -15.10 35.16 17.93
C ARG C 28 -16.40 35.11 17.16
N ALA C 29 -16.39 34.29 16.11
CA ALA C 29 -17.57 34.11 15.29
C ALA C 29 -18.40 33.03 15.97
N THR C 30 -19.59 33.39 16.47
CA THR C 30 -20.42 32.41 17.15
C THR C 30 -21.83 32.31 16.52
N PRO C 31 -22.38 31.08 16.36
CA PRO C 31 -21.78 29.77 16.70
C PRO C 31 -20.56 29.50 15.81
N GLY C 32 -19.71 28.57 16.23
CA GLY C 32 -18.51 28.29 15.44
C GLY C 32 -17.26 28.32 16.27
N SER C 33 -16.14 27.82 15.71
CA SER C 33 -14.87 27.77 16.45
C SER C 33 -13.57 28.04 15.63
N VAL C 34 -13.63 28.30 14.32
CA VAL C 34 -12.35 28.42 13.60
C VAL C 34 -11.84 29.87 13.44
N ALA C 35 -12.78 30.80 13.24
CA ALA C 35 -12.56 32.17 12.88
C ALA C 35 -12.81 33.21 13.94
N TYR C 36 -12.17 34.38 13.70
CA TYR C 36 -12.36 35.66 14.35
C TYR C 36 -12.85 36.61 13.28
N ASP C 37 -13.89 37.35 13.58
CA ASP C 37 -14.41 38.38 12.70
C ASP C 37 -13.53 39.62 12.83
N LEU C 38 -13.17 40.21 11.70
CA LEU C 38 -12.35 41.43 11.65
C LEU C 38 -13.24 42.58 11.25
N PHE C 39 -12.99 43.77 11.85
CA PHE C 39 -13.82 44.95 11.66
C PHE C 39 -13.02 46.14 11.19
N PRO C 40 -13.65 47.07 10.40
CA PRO C 40 -12.91 48.26 9.95
C PRO C 40 -12.84 49.42 10.98
N SER C 41 -11.73 50.15 10.95
CA SER C 41 -11.48 51.34 11.77
C SER C 41 -12.30 52.50 11.20
N GLU C 42 -12.41 52.58 9.87
CA GLU C 42 -13.13 53.63 9.16
C GLU C 42 -14.13 53.10 8.14
N GLU C 43 -15.11 53.94 7.81
CA GLU C 43 -16.16 53.62 6.86
C GLU C 43 -15.81 54.13 5.48
N MET C 44 -16.17 53.36 4.45
CA MET C 44 -15.91 53.70 3.05
C MET C 44 -16.85 52.93 2.13
N ASP C 45 -16.89 53.30 0.85
CA ASP C 45 -17.65 52.59 -0.15
C ASP C 45 -16.72 52.17 -1.27
N ILE C 46 -16.51 50.84 -1.43
CA ILE C 46 -15.62 50.31 -2.45
C ILE C 46 -16.33 50.35 -3.79
N GLU C 47 -15.85 51.23 -4.68
CA GLU C 47 -16.36 51.44 -6.04
C GLU C 47 -16.38 50.14 -6.87
N PRO C 48 -17.24 50.02 -7.92
CA PRO C 48 -17.20 48.82 -8.76
C PRO C 48 -15.79 48.53 -9.30
N MET C 49 -15.39 47.24 -9.31
CA MET C 49 -14.07 46.74 -9.75
C MET C 49 -12.89 47.17 -8.82
N GLY C 50 -13.19 47.88 -7.74
CA GLY C 50 -12.20 48.39 -6.80
C GLY C 50 -11.51 47.39 -5.87
N LEU C 51 -10.30 47.75 -5.44
CA LEU C 51 -9.44 47.03 -4.51
C LEU C 51 -9.14 47.96 -3.33
N ALA C 52 -9.51 47.53 -2.12
CA ALA C 52 -9.30 48.33 -0.94
C ALA C 52 -8.36 47.63 0.08
N LYS C 53 -7.62 48.45 0.84
CA LYS C 53 -6.73 48.04 1.92
C LYS C 53 -7.38 48.67 3.17
N ILE C 54 -8.08 47.84 3.97
CA ILE C 54 -8.85 48.28 5.13
C ILE C 54 -8.13 47.95 6.43
N SER C 55 -7.84 49.00 7.24
CA SER C 55 -7.19 48.92 8.55
C SER C 55 -8.19 48.36 9.54
N THR C 56 -7.73 47.43 10.40
CA THR C 56 -8.61 46.77 11.37
C THR C 56 -8.44 47.30 12.80
N GLY C 57 -7.43 48.15 13.02
CA GLY C 57 -7.11 48.72 14.33
C GLY C 57 -6.30 47.84 15.26
N TYR C 58 -6.03 46.58 14.85
CA TYR C 58 -5.33 45.57 15.66
C TYR C 58 -4.24 44.79 14.95
N GLY C 59 -3.28 44.33 15.74
CA GLY C 59 -2.20 43.45 15.32
C GLY C 59 -2.23 42.21 16.21
N ILE C 60 -1.45 41.19 15.87
CA ILE C 60 -1.35 39.97 16.69
C ILE C 60 -0.06 40.09 17.50
N ASP C 61 -0.20 40.18 18.82
CA ASP C 61 0.96 40.27 19.69
C ASP C 61 1.53 38.87 19.97
N LYS C 62 0.63 37.89 20.15
CA LYS C 62 1.03 36.53 20.45
C LYS C 62 0.13 35.57 19.68
N PHE C 63 0.76 34.69 18.90
CA PHE C 63 0.09 33.68 18.10
C PHE C 63 0.01 32.41 18.94
N PRO C 64 -1.00 31.53 18.71
CA PRO C 64 -0.98 30.22 19.37
C PRO C 64 0.23 29.43 18.83
N ASP C 65 0.79 28.52 19.62
CA ASP C 65 1.96 27.72 19.25
C ASP C 65 1.81 26.96 17.95
N GLY C 66 2.83 27.05 17.08
CA GLY C 66 2.88 26.38 15.78
C GLY C 66 1.89 26.91 14.75
N CYS C 67 1.25 28.06 15.06
CA CYS C 67 0.26 28.70 14.20
C CYS C 67 0.67 30.08 13.67
N TYR C 68 0.22 30.37 12.45
CA TYR C 68 0.34 31.66 11.79
C TYR C 68 -1.13 32.03 11.58
N GLY C 69 -1.39 33.24 11.10
CA GLY C 69 -2.74 33.74 10.86
C GLY C 69 -3.03 33.88 9.38
N GLN C 70 -4.23 33.47 9.00
CA GLN C 70 -4.71 33.55 7.64
C GLN C 70 -6.02 34.33 7.63
N ILE C 71 -6.01 35.46 6.92
CA ILE C 71 -7.20 36.29 6.70
C ILE C 71 -7.91 35.64 5.50
N VAL C 72 -9.19 35.33 5.68
CA VAL C 72 -10.02 34.70 4.66
C VAL C 72 -11.32 35.53 4.50
N SER C 73 -11.99 35.36 3.38
CA SER C 73 -13.25 36.02 3.11
C SER C 73 -14.36 35.35 3.91
N ARG C 74 -15.44 36.11 4.15
CA ARG C 74 -16.66 35.64 4.80
C ARG C 74 -17.55 35.10 3.69
N SER C 75 -18.26 33.99 3.90
CA SER C 75 -19.14 33.43 2.82
C SER C 75 -20.30 34.35 2.39
N GLY C 76 -20.96 34.96 3.38
CA GLY C 76 -22.07 35.87 3.17
C GLY C 76 -21.75 37.02 2.23
N MET C 77 -20.71 37.80 2.54
CA MET C 77 -20.27 38.95 1.72
C MET C 77 -19.76 38.52 0.37
N THR C 78 -19.01 37.41 0.33
CA THR C 78 -18.54 36.92 -0.98
C THR C 78 -19.74 36.77 -1.93
N TRP C 79 -20.82 36.08 -1.47
CA TRP C 79 -22.02 35.80 -2.27
C TRP C 79 -22.92 37.04 -2.48
N LYS C 80 -23.18 37.80 -1.39
CA LYS C 80 -24.07 38.96 -1.39
C LYS C 80 -23.50 40.22 -2.02
N ASN C 81 -22.22 40.51 -1.75
CA ASN C 81 -21.55 41.74 -2.22
C ASN C 81 -20.55 41.54 -3.31
N ASN C 82 -20.47 40.32 -3.86
CA ASN C 82 -19.56 39.94 -4.94
C ASN C 82 -18.09 40.35 -4.64
N THR C 83 -17.58 39.99 -3.43
CA THR C 83 -16.23 40.31 -2.96
C THR C 83 -15.32 39.08 -2.79
N SER C 84 -14.04 39.36 -2.57
CA SER C 84 -13.00 38.37 -2.30
C SER C 84 -11.84 39.02 -1.53
N VAL C 85 -11.08 38.20 -0.81
CA VAL C 85 -9.90 38.57 -0.06
C VAL C 85 -8.73 37.93 -0.81
N PRO C 86 -8.08 38.66 -1.77
CA PRO C 86 -7.02 38.03 -2.59
C PRO C 86 -5.70 37.64 -1.89
N THR C 87 -5.43 38.19 -0.71
CA THR C 87 -4.22 37.87 0.06
C THR C 87 -4.52 37.93 1.57
N GLY C 88 -3.75 37.23 2.41
CA GLY C 88 -3.94 37.28 3.85
C GLY C 88 -3.05 36.45 4.76
N THR C 89 -1.80 36.21 4.37
CA THR C 89 -0.82 35.42 5.11
C THR C 89 -0.10 36.34 6.10
N ILE C 90 -0.26 36.08 7.40
CA ILE C 90 0.36 36.89 8.46
C ILE C 90 1.48 36.08 9.12
N ASP C 91 2.74 36.46 8.87
CA ASP C 91 3.92 35.81 9.46
C ASP C 91 3.94 36.01 11.00
N VAL C 92 4.51 35.03 11.73
CA VAL C 92 4.58 35.00 13.19
C VAL C 92 5.40 36.17 13.79
N ASP C 93 6.20 36.85 12.96
CA ASP C 93 7.04 37.99 13.36
C ASP C 93 6.40 39.33 13.03
N TYR C 94 5.21 39.30 12.40
CA TYR C 94 4.52 40.53 12.02
C TYR C 94 3.90 41.19 13.24
N ARG C 95 4.32 42.42 13.52
CA ARG C 95 3.87 43.19 14.66
C ARG C 95 2.95 44.33 14.23
N GLY C 96 2.89 44.64 12.93
CA GLY C 96 2.04 45.72 12.44
C GLY C 96 0.55 45.42 12.55
N GLU C 97 -0.23 46.36 12.07
CA GLU C 97 -1.67 46.33 12.08
C GLU C 97 -2.17 45.46 10.94
N LEU C 98 -3.14 44.60 11.22
CA LEU C 98 -3.75 43.77 10.20
C LEU C 98 -4.58 44.70 9.29
N LYS C 99 -4.40 44.54 8.00
CA LYS C 99 -5.10 45.26 6.95
C LYS C 99 -5.65 44.23 6.00
N VAL C 100 -6.96 44.31 5.76
CA VAL C 100 -7.70 43.40 4.90
C VAL C 100 -7.69 43.97 3.49
N ILE C 101 -7.30 43.13 2.52
CA ILE C 101 -7.30 43.47 1.11
C ILE C 101 -8.62 42.88 0.58
N LEU C 102 -9.49 43.76 0.09
CA LEU C 102 -10.81 43.34 -0.35
C LEU C 102 -11.08 43.83 -1.76
N ARG C 103 -11.42 42.91 -2.67
CA ARG C 103 -11.75 43.21 -4.05
C ARG C 103 -13.27 43.19 -4.25
N ASN C 104 -13.81 44.20 -4.93
CA ASN C 104 -15.20 44.24 -5.31
C ASN C 104 -15.20 43.78 -6.77
N HIS C 105 -15.91 42.69 -7.09
CA HIS C 105 -16.00 42.15 -8.44
C HIS C 105 -17.19 42.67 -9.23
N SER C 106 -18.07 43.45 -8.58
CA SER C 106 -19.26 44.00 -9.23
C SER C 106 -18.86 45.10 -10.19
N ALA C 107 -19.52 45.14 -11.34
CA ALA C 107 -19.29 46.15 -12.36
C ALA C 107 -20.28 47.29 -12.17
N GLU C 108 -21.27 47.10 -11.26
CA GLU C 108 -22.36 48.06 -10.99
C GLU C 108 -22.49 48.53 -9.55
N LYS C 109 -22.30 47.64 -8.56
CA LYS C 109 -22.52 47.96 -7.17
C LYS C 109 -21.26 48.25 -6.35
N SER C 110 -21.39 49.22 -5.43
CA SER C 110 -20.31 49.57 -4.52
C SER C 110 -20.46 48.73 -3.25
N VAL C 111 -19.36 48.47 -2.54
CA VAL C 111 -19.41 47.67 -1.32
C VAL C 111 -19.37 48.58 -0.08
N PRO C 112 -20.43 48.55 0.76
CA PRO C 112 -20.40 49.39 1.98
C PRO C 112 -19.52 48.80 3.09
N ILE C 113 -18.52 49.58 3.54
CA ILE C 113 -17.64 49.22 4.64
C ILE C 113 -18.12 50.05 5.84
N ARG C 114 -18.60 49.37 6.89
CA ARG C 114 -19.21 50.00 8.05
C ARG C 114 -18.63 49.48 9.35
N LYS C 115 -18.50 50.37 10.36
CA LYS C 115 -17.92 50.15 11.67
C LYS C 115 -18.30 48.81 12.38
N GLY C 116 -19.59 48.57 12.60
CA GLY C 116 -20.02 47.34 13.28
C GLY C 116 -20.14 46.08 12.46
N THR C 117 -19.83 46.13 11.15
CA THR C 117 -19.96 45.00 10.23
C THR C 117 -18.61 44.43 9.83
N SER C 118 -18.45 43.11 10.00
CA SER C 118 -17.24 42.38 9.69
C SER C 118 -16.95 42.36 8.18
N ILE C 119 -15.66 42.51 7.84
CA ILE C 119 -15.14 42.60 6.48
C ILE C 119 -14.39 41.33 6.06
N ALA C 120 -14.00 40.51 7.04
CA ALA C 120 -13.25 39.27 6.79
C ALA C 120 -13.13 38.48 8.07
N GLN C 121 -12.53 37.29 7.97
CA GLN C 121 -12.30 36.39 9.08
C GLN C 121 -10.79 36.12 9.21
N LEU C 122 -10.34 35.76 10.41
CA LEU C 122 -8.97 35.37 10.68
C LEU C 122 -8.96 33.97 11.32
N ILE C 123 -8.17 33.06 10.75
CA ILE C 123 -8.02 31.68 11.24
C ILE C 123 -6.57 31.46 11.61
N PHE C 124 -6.37 30.71 12.70
CA PHE C 124 -5.04 30.33 13.16
C PHE C 124 -4.78 28.91 12.69
N LEU C 125 -4.00 28.79 11.63
CA LEU C 125 -3.65 27.51 10.97
C LEU C 125 -2.28 27.01 11.38
N ARG C 126 -2.18 25.70 11.62
CA ARG C 126 -0.92 25.03 11.96
C ARG C 126 -0.07 24.85 10.71
N TYR C 127 1.17 25.30 10.77
CA TYR C 127 2.12 25.20 9.65
C TYR C 127 3.43 24.59 10.13
N CYS C 128 4.29 24.17 9.21
CA CYS C 128 5.63 23.71 9.56
C CYS C 128 6.66 24.79 9.32
N ASP C 129 7.39 25.12 10.38
CA ASP C 129 8.48 26.10 10.38
C ASP C 129 9.69 25.24 10.13
N VAL C 130 10.05 25.09 8.85
CA VAL C 130 11.14 24.24 8.40
C VAL C 130 12.47 24.55 9.12
N GLU C 131 13.09 23.49 9.66
CA GLU C 131 14.34 23.53 10.39
C GLU C 131 15.51 23.22 9.49
N GLU C 132 15.35 22.28 8.55
CA GLU C 132 16.41 21.84 7.62
C GLU C 132 15.99 21.91 6.18
N GLU C 133 16.83 22.51 5.32
CA GLU C 133 16.51 22.57 3.91
C GLU C 133 17.72 22.28 3.07
N GLN C 134 17.49 21.61 1.96
CA GLN C 134 18.52 21.26 1.03
C GLN C 134 17.97 21.51 -0.36
N ILE C 135 18.85 21.97 -1.26
CA ILE C 135 18.52 22.15 -2.66
C ILE C 135 19.35 21.14 -3.41
N VAL C 136 18.68 20.26 -4.15
CA VAL C 136 19.40 19.22 -4.86
C VAL C 136 19.07 19.27 -6.36
N TYR C 137 20.05 18.87 -7.21
CA TYR C 137 19.87 18.67 -8.65
C TYR C 137 20.03 17.15 -8.85
N ILE C 138 19.08 16.52 -9.56
CA ILE C 138 19.08 15.07 -9.84
C ILE C 138 19.26 14.85 -11.33
N ASN C 139 20.23 13.99 -11.72
CA ASN C 139 20.51 13.61 -13.10
C ASN C 139 19.33 12.74 -13.58
N GLU C 140 18.65 13.23 -14.60
CA GLU C 140 17.46 12.61 -15.13
C GLU C 140 17.71 11.23 -15.78
N THR C 141 18.97 10.86 -16.04
CA THR C 141 19.24 9.54 -16.61
C THR C 141 19.79 8.55 -15.58
N THR C 142 20.68 9.00 -14.68
CA THR C 142 21.34 8.15 -13.68
C THR C 142 20.68 8.13 -12.26
N GLY C 143 19.98 9.20 -11.91
CA GLY C 143 19.38 9.35 -10.59
C GLY C 143 20.35 9.93 -9.56
N GLU C 144 21.58 10.22 -9.98
CA GLU C 144 22.68 10.79 -9.19
C GLU C 144 22.29 12.21 -8.69
N ARG C 145 22.48 12.41 -7.37
CA ARG C 145 22.13 13.63 -6.67
C ARG C 145 23.32 14.54 -6.43
N THR C 146 23.13 15.84 -6.66
CA THR C 146 24.14 16.85 -6.44
C THR C 146 23.54 17.93 -5.51
N ILE C 147 24.09 18.06 -4.29
CA ILE C 147 23.64 19.05 -3.33
C ILE C 147 24.09 20.41 -3.84
N ILE C 148 23.12 21.29 -4.11
CA ILE C 148 23.35 22.66 -4.58
C ILE C 148 23.73 23.54 -3.41
N ASP C 149 22.91 23.52 -2.35
CA ASP C 149 23.10 24.21 -1.07
C ASP C 149 22.18 23.63 -0.01
N SER C 150 22.43 23.97 1.26
CA SER C 150 21.68 23.49 2.42
C SER C 150 21.78 24.49 3.54
N SER C 151 20.77 24.55 4.43
CA SER C 151 20.76 25.46 5.58
C SER C 151 19.94 24.94 6.76
N SER C 152 20.34 25.34 7.96
CA SER C 152 19.71 25.00 9.23
C SER C 152 19.13 26.26 9.90
N LYS C 153 17.96 26.13 10.54
CA LYS C 153 17.34 27.23 11.27
C LYS C 153 17.42 26.98 12.78
N SER D 6 25.62 -44.44 7.47
CA SER D 6 24.83 -44.42 6.23
C SER D 6 23.49 -43.66 6.35
N SER D 7 22.95 -43.53 7.58
CA SER D 7 21.66 -42.87 7.89
C SER D 7 21.55 -41.39 7.46
N ALA D 8 22.67 -40.65 7.49
CA ALA D 8 22.70 -39.24 7.10
C ALA D 8 23.78 -38.99 6.02
N SER D 9 23.89 -39.91 5.04
CA SER D 9 24.88 -39.77 3.96
C SER D 9 24.26 -39.79 2.58
N VAL D 10 24.78 -38.94 1.69
CA VAL D 10 24.31 -38.81 0.31
C VAL D 10 25.49 -38.97 -0.70
N VAL D 11 25.23 -39.64 -1.84
CA VAL D 11 26.23 -39.76 -2.90
C VAL D 11 25.59 -39.18 -4.15
N PHE D 12 26.21 -38.14 -4.71
CA PHE D 12 25.73 -37.57 -5.97
C PHE D 12 26.62 -38.17 -7.06
N MET D 13 26.01 -38.47 -8.20
CA MET D 13 26.68 -39.03 -9.36
C MET D 13 26.84 -37.91 -10.40
N ARG D 14 28.12 -37.62 -10.74
CA ARG D 14 28.50 -36.59 -11.70
C ARG D 14 28.44 -37.23 -13.08
N PHE D 15 27.65 -36.67 -13.99
CA PHE D 15 27.47 -37.23 -15.32
C PHE D 15 28.64 -36.88 -16.23
N ALA D 16 29.21 -35.67 -16.08
CA ALA D 16 30.36 -35.27 -16.89
C ALA D 16 31.66 -35.90 -16.38
N PRO D 17 32.52 -36.43 -17.28
CA PRO D 17 33.80 -36.98 -16.83
C PRO D 17 34.68 -35.92 -16.15
N PRO D 18 35.58 -36.29 -15.22
CA PRO D 18 36.46 -35.26 -14.61
C PRO D 18 37.31 -34.60 -15.71
N GLY D 19 37.41 -33.28 -15.64
CA GLY D 19 38.13 -32.47 -16.61
C GLY D 19 37.23 -31.84 -17.65
N GLU D 20 36.00 -32.39 -17.81
CA GLU D 20 35.04 -31.86 -18.77
C GLU D 20 34.16 -30.80 -18.12
N GLU D 21 33.70 -29.83 -18.91
CA GLU D 21 32.85 -28.75 -18.44
C GLU D 21 31.52 -29.28 -17.91
N THR D 22 31.12 -28.84 -16.72
CA THR D 22 29.85 -29.27 -16.12
C THR D 22 29.27 -28.22 -15.21
N ALA D 23 28.04 -28.48 -14.74
CA ALA D 23 27.37 -27.62 -13.79
C ALA D 23 28.12 -27.64 -12.45
N LEU D 24 27.94 -26.60 -11.63
CA LEU D 24 28.52 -26.54 -10.29
C LEU D 24 27.81 -27.65 -9.51
N PRO D 25 28.50 -28.36 -8.61
CA PRO D 25 27.84 -29.51 -7.94
C PRO D 25 26.71 -29.14 -6.95
N PRO D 26 25.81 -30.07 -6.54
CA PRO D 26 24.84 -29.68 -5.51
C PRO D 26 25.61 -29.35 -4.23
N ARG D 27 25.36 -28.19 -3.60
CA ARG D 27 26.04 -27.80 -2.35
C ARG D 27 25.07 -27.01 -1.48
N ARG D 28 25.11 -27.20 -0.14
CA ARG D 28 24.32 -26.40 0.80
C ARG D 28 25.08 -25.10 1.02
N ALA D 29 24.37 -23.97 0.88
CA ALA D 29 24.95 -22.63 0.98
C ALA D 29 25.48 -22.27 2.38
N THR D 30 24.78 -22.67 3.45
CA THR D 30 25.16 -22.34 4.84
C THR D 30 25.01 -23.58 5.74
N PRO D 31 25.52 -23.55 7.02
CA PRO D 31 25.30 -24.70 7.91
C PRO D 31 23.83 -24.90 8.31
N GLY D 32 23.04 -23.86 8.15
CA GLY D 32 21.62 -23.93 8.48
C GLY D 32 20.74 -24.29 7.32
N SER D 33 21.33 -24.48 6.12
CA SER D 33 20.62 -24.86 4.90
C SER D 33 20.06 -26.24 4.99
N VAL D 34 18.75 -26.34 4.76
CA VAL D 34 18.03 -27.63 4.77
C VAL D 34 18.06 -28.27 3.35
N ALA D 35 18.46 -27.48 2.34
CA ALA D 35 18.50 -27.84 0.92
C ALA D 35 19.81 -27.52 0.23
N TYR D 36 20.10 -28.33 -0.80
CA TYR D 36 21.26 -28.27 -1.67
C TYR D 36 20.93 -27.38 -2.87
N ASP D 37 21.81 -26.42 -3.21
CA ASP D 37 21.57 -25.57 -4.38
C ASP D 37 21.89 -26.36 -5.65
N LEU D 38 21.04 -26.25 -6.67
CA LEU D 38 21.20 -26.94 -7.94
C LEU D 38 21.52 -25.89 -9.00
N PHE D 39 22.42 -26.24 -9.92
CA PHE D 39 22.94 -25.37 -10.95
C PHE D 39 22.77 -25.94 -12.32
N PRO D 40 22.62 -25.09 -13.37
CA PRO D 40 22.48 -25.61 -14.73
C PRO D 40 23.81 -26.00 -15.41
N SER D 41 23.76 -27.05 -16.27
CA SER D 41 24.89 -27.53 -17.08
C SER D 41 25.12 -26.57 -18.23
N GLU D 42 24.02 -26.02 -18.79
CA GLU D 42 24.04 -25.10 -19.92
C GLU D 42 23.22 -23.86 -19.66
N GLU D 43 23.55 -22.80 -20.41
CA GLU D 43 22.90 -21.51 -20.35
C GLU D 43 21.81 -21.42 -21.38
N MET D 44 20.70 -20.80 -21.02
CA MET D 44 19.55 -20.62 -21.89
C MET D 44 18.71 -19.43 -21.43
N ASP D 45 17.77 -19.03 -22.27
CA ASP D 45 16.84 -17.98 -21.92
C ASP D 45 15.42 -18.52 -22.09
N ILE D 46 14.67 -18.64 -20.98
CA ILE D 46 13.30 -19.14 -21.00
C ILE D 46 12.37 -18.02 -21.48
N GLU D 47 11.80 -18.20 -22.66
CA GLU D 47 10.87 -17.25 -23.31
C GLU D 47 9.65 -16.91 -22.41
N PRO D 48 8.95 -15.75 -22.60
CA PRO D 48 7.76 -15.46 -21.79
C PRO D 48 6.75 -16.62 -21.86
N MET D 49 6.13 -16.93 -20.70
CA MET D 49 5.15 -18.02 -20.51
C MET D 49 5.75 -19.46 -20.70
N GLY D 50 7.06 -19.56 -20.93
CA GLY D 50 7.74 -20.82 -21.21
C GLY D 50 7.92 -21.79 -20.07
N LEU D 51 8.05 -23.07 -20.39
CA LEU D 51 8.31 -24.17 -19.45
C LEU D 51 9.59 -24.86 -19.90
N ALA D 52 10.61 -24.85 -19.05
CA ALA D 52 11.91 -25.44 -19.36
C ALA D 52 12.25 -26.62 -18.47
N LYS D 53 13.00 -27.56 -19.02
CA LYS D 53 13.52 -28.76 -18.37
C LYS D 53 15.04 -28.55 -18.43
N ILE D 54 15.63 -28.17 -17.27
CA ILE D 54 17.03 -27.80 -17.14
C ILE D 54 17.82 -28.92 -16.49
N SER D 55 18.85 -29.42 -17.20
CA SER D 55 19.78 -30.45 -16.73
C SER D 55 20.71 -29.85 -15.69
N THR D 56 20.95 -30.59 -14.61
CA THR D 56 21.81 -30.13 -13.51
C THR D 56 23.20 -30.77 -13.51
N GLY D 57 23.43 -31.74 -14.38
CA GLY D 57 24.71 -32.45 -14.49
C GLY D 57 24.93 -33.57 -13.47
N TYR D 58 23.97 -33.75 -12.54
CA TYR D 58 24.08 -34.74 -11.47
C TYR D 58 22.82 -35.58 -11.24
N GLY D 59 23.04 -36.78 -10.71
CA GLY D 59 22.00 -37.70 -10.29
C GLY D 59 22.29 -38.06 -8.84
N ILE D 60 21.36 -38.77 -8.18
CA ILE D 60 21.54 -39.21 -6.81
C ILE D 60 21.86 -40.68 -6.88
N ASP D 61 23.07 -41.03 -6.50
CA ASP D 61 23.50 -42.43 -6.48
C ASP D 61 23.03 -43.14 -5.17
N LYS D 62 23.04 -42.42 -4.03
CA LYS D 62 22.62 -42.96 -2.75
C LYS D 62 21.88 -41.90 -1.96
N PHE D 63 20.65 -42.23 -1.54
CA PHE D 63 19.79 -41.34 -0.75
C PHE D 63 20.02 -41.63 0.74
N PRO D 64 19.84 -40.62 1.64
CA PRO D 64 19.88 -40.93 3.07
C PRO D 64 18.69 -41.83 3.41
N ASP D 65 18.83 -42.69 4.43
CA ASP D 65 17.79 -43.63 4.85
C ASP D 65 16.45 -42.95 5.18
N GLY D 66 15.37 -43.56 4.66
CA GLY D 66 13.99 -43.11 4.85
C GLY D 66 13.64 -41.81 4.17
N CYS D 67 14.51 -41.34 3.25
CA CYS D 67 14.34 -40.09 2.52
C CYS D 67 14.27 -40.28 1.02
N TYR D 68 13.65 -39.27 0.37
CA TYR D 68 13.53 -39.13 -1.08
C TYR D 68 13.92 -37.66 -1.36
N GLY D 69 14.13 -37.31 -2.61
CA GLY D 69 14.53 -35.99 -3.03
C GLY D 69 13.38 -35.14 -3.53
N GLN D 70 13.25 -33.95 -3.01
CA GLN D 70 12.22 -33.01 -3.48
C GLN D 70 12.94 -31.77 -3.98
N ILE D 71 12.79 -31.47 -5.26
CA ILE D 71 13.31 -30.26 -5.88
C ILE D 71 12.25 -29.18 -5.61
N VAL D 72 12.68 -28.07 -5.01
CA VAL D 72 11.80 -26.94 -4.68
C VAL D 72 12.38 -25.66 -5.27
N SER D 73 11.56 -24.67 -5.44
CA SER D 73 12.01 -23.36 -5.94
C SER D 73 12.82 -22.67 -4.86
N ARG D 74 13.73 -21.81 -5.29
CA ARG D 74 14.48 -20.98 -4.36
C ARG D 74 13.79 -19.59 -4.39
N SER D 75 13.63 -18.96 -3.19
CA SER D 75 12.86 -17.73 -3.11
C SER D 75 13.36 -16.64 -4.00
N GLY D 76 14.67 -16.46 -4.10
CA GLY D 76 15.31 -15.44 -4.92
C GLY D 76 14.89 -15.49 -6.37
N MET D 77 15.10 -16.66 -7.01
CA MET D 77 14.79 -17.04 -8.40
C MET D 77 13.29 -16.76 -8.70
N THR D 78 12.38 -17.22 -7.80
CA THR D 78 10.91 -17.03 -7.86
C THR D 78 10.56 -15.55 -7.92
N TRP D 79 11.07 -14.76 -6.96
CA TRP D 79 10.77 -13.35 -6.83
C TRP D 79 11.36 -12.48 -7.95
N LYS D 80 12.68 -12.57 -8.19
CA LYS D 80 13.40 -11.77 -9.17
C LYS D 80 12.95 -12.03 -10.63
N ASN D 81 12.69 -13.29 -10.99
CA ASN D 81 12.39 -13.70 -12.37
C ASN D 81 10.99 -14.22 -12.63
N ASN D 82 10.04 -14.03 -11.68
CA ASN D 82 8.63 -14.44 -11.81
C ASN D 82 8.52 -15.91 -12.27
N THR D 83 9.22 -16.84 -11.57
CA THR D 83 9.27 -18.28 -11.88
C THR D 83 8.65 -19.17 -10.80
N SER D 84 8.48 -20.46 -11.12
CA SER D 84 8.01 -21.49 -10.22
C SER D 84 8.55 -22.85 -10.67
N VAL D 85 8.65 -23.79 -9.72
CA VAL D 85 9.11 -25.20 -9.97
C VAL D 85 7.83 -26.05 -9.84
N PRO D 86 7.08 -26.32 -10.94
CA PRO D 86 5.80 -27.03 -10.80
C PRO D 86 5.86 -28.52 -10.44
N THR D 87 7.04 -29.15 -10.51
CA THR D 87 7.20 -30.58 -10.18
C THR D 87 8.61 -30.85 -9.65
N GLY D 88 8.80 -31.89 -8.84
CA GLY D 88 10.13 -32.19 -8.33
C GLY D 88 10.31 -33.38 -7.41
N THR D 89 9.41 -34.38 -7.48
CA THR D 89 9.47 -35.58 -6.66
C THR D 89 10.45 -36.55 -7.30
N ILE D 90 11.56 -36.87 -6.59
CA ILE D 90 12.58 -37.80 -7.06
C ILE D 90 12.45 -39.08 -6.23
N ASP D 91 12.01 -40.16 -6.89
CA ASP D 91 11.87 -41.47 -6.26
C ASP D 91 13.25 -42.04 -5.94
N VAL D 92 13.31 -42.87 -4.89
CA VAL D 92 14.51 -43.53 -4.39
C VAL D 92 15.17 -44.49 -5.43
N ASP D 93 14.42 -44.86 -6.48
CA ASP D 93 14.91 -45.76 -7.53
C ASP D 93 15.37 -45.01 -8.79
N TYR D 94 15.26 -43.68 -8.78
CA TYR D 94 15.66 -42.88 -9.93
C TYR D 94 17.18 -42.80 -10.07
N ARG D 95 17.67 -43.25 -11.25
CA ARG D 95 19.11 -43.26 -11.53
C ARG D 95 19.57 -42.32 -12.66
N GLY D 96 18.66 -41.54 -13.22
CA GLY D 96 19.03 -40.55 -14.22
C GLY D 96 19.53 -39.24 -13.60
N GLU D 97 19.73 -38.27 -14.48
CA GLU D 97 20.18 -36.93 -14.13
C GLU D 97 18.98 -36.10 -13.61
N LEU D 98 19.18 -35.35 -12.52
CA LEU D 98 18.17 -34.45 -12.00
C LEU D 98 17.98 -33.30 -13.02
N LYS D 99 16.72 -33.02 -13.32
CA LYS D 99 16.31 -31.99 -14.24
C LYS D 99 15.27 -31.14 -13.53
N VAL D 100 15.50 -29.84 -13.52
CA VAL D 100 14.64 -28.88 -12.90
C VAL D 100 13.62 -28.39 -13.92
N ILE D 101 12.33 -28.43 -13.55
CA ILE D 101 11.24 -27.95 -14.41
C ILE D 101 10.95 -26.56 -13.89
N LEU D 102 11.11 -25.57 -14.76
CA LEU D 102 10.96 -24.19 -14.35
C LEU D 102 10.03 -23.45 -15.29
N ARG D 103 8.97 -22.83 -14.72
CA ARG D 103 7.98 -22.06 -15.48
C ARG D 103 8.29 -20.58 -15.37
N ASN D 104 8.20 -19.88 -16.49
CA ASN D 104 8.34 -18.43 -16.54
C ASN D 104 6.92 -17.86 -16.58
N HIS D 105 6.54 -17.08 -15.58
CA HIS D 105 5.20 -16.52 -15.54
C HIS D 105 5.08 -15.14 -16.19
N SER D 106 6.23 -14.54 -16.58
CA SER D 106 6.24 -13.24 -17.22
C SER D 106 5.71 -13.33 -18.65
N ALA D 107 4.90 -12.35 -19.03
CA ALA D 107 4.33 -12.25 -20.37
C ALA D 107 5.23 -11.38 -21.24
N GLU D 108 6.24 -10.74 -20.62
CA GLU D 108 7.17 -9.82 -21.30
C GLU D 108 8.65 -10.19 -21.22
N LYS D 109 9.12 -10.70 -20.07
CA LYS D 109 10.54 -10.96 -19.88
C LYS D 109 10.93 -12.41 -20.01
N SER D 110 12.12 -12.65 -20.55
CA SER D 110 12.68 -13.99 -20.63
C SER D 110 13.49 -14.25 -19.36
N VAL D 111 13.63 -15.51 -18.94
CA VAL D 111 14.37 -15.84 -17.73
C VAL D 111 15.78 -16.29 -18.06
N PRO D 112 16.81 -15.55 -17.58
CA PRO D 112 18.20 -15.96 -17.86
C PRO D 112 18.65 -17.14 -16.98
N ILE D 113 19.09 -18.23 -17.63
CA ILE D 113 19.63 -19.42 -16.97
C ILE D 113 21.14 -19.35 -17.23
N ARG D 114 21.92 -19.23 -16.14
CA ARG D 114 23.37 -19.04 -16.20
C ARG D 114 24.10 -20.00 -15.30
N LYS D 115 25.29 -20.43 -15.74
CA LYS D 115 26.18 -21.42 -15.12
C LYS D 115 26.35 -21.30 -13.59
N GLY D 116 26.80 -20.15 -13.11
CA GLY D 116 27.04 -20.03 -11.66
C GLY D 116 25.86 -19.64 -10.79
N THR D 117 24.66 -19.50 -11.37
CA THR D 117 23.44 -19.09 -10.65
C THR D 117 22.50 -20.25 -10.43
N SER D 118 22.15 -20.51 -9.16
CA SER D 118 21.26 -21.61 -8.74
C SER D 118 19.86 -21.40 -9.27
N ILE D 119 19.24 -22.47 -9.75
CA ILE D 119 17.92 -22.45 -10.40
C ILE D 119 16.84 -23.08 -9.49
N ALA D 120 17.26 -23.81 -8.46
CA ALA D 120 16.40 -24.52 -7.54
C ALA D 120 17.22 -25.14 -6.45
N GLN D 121 16.52 -25.81 -5.54
CA GLN D 121 17.18 -26.46 -4.46
C GLN D 121 16.57 -27.82 -4.21
N LEU D 122 17.34 -28.73 -3.61
CA LEU D 122 16.95 -30.11 -3.33
C LEU D 122 16.93 -30.41 -1.84
N ILE D 123 15.80 -30.90 -1.34
CA ILE D 123 15.63 -31.29 0.05
C ILE D 123 15.47 -32.80 0.14
N PHE D 124 16.04 -33.40 1.17
CA PHE D 124 15.87 -34.82 1.47
C PHE D 124 14.84 -34.91 2.58
N LEU D 125 13.60 -35.23 2.18
CA LEU D 125 12.45 -35.31 3.07
C LEU D 125 12.16 -36.72 3.55
N ARG D 126 11.77 -36.86 4.82
CA ARG D 126 11.41 -38.18 5.38
C ARG D 126 9.98 -38.51 4.93
N TYR D 127 9.80 -39.69 4.35
CA TYR D 127 8.51 -40.16 3.89
C TYR D 127 8.27 -41.55 4.45
N CYS D 128 7.01 -42.01 4.38
CA CYS D 128 6.67 -43.35 4.78
C CYS D 128 6.58 -44.26 3.57
N ASP D 129 7.40 -45.32 3.59
CA ASP D 129 7.41 -46.36 2.60
C ASP D 129 6.43 -47.38 3.17
N VAL D 130 5.17 -47.25 2.74
CA VAL D 130 4.06 -48.06 3.20
C VAL D 130 4.32 -49.57 2.98
N GLU D 131 4.13 -50.36 4.04
CA GLU D 131 4.33 -51.81 4.05
C GLU D 131 2.99 -52.53 3.82
N GLU D 132 1.89 -52.01 4.39
CA GLU D 132 0.55 -52.61 4.27
C GLU D 132 -0.49 -51.61 3.79
N GLU D 133 -1.28 -51.96 2.78
CA GLU D 133 -2.35 -51.09 2.31
C GLU D 133 -3.66 -51.84 2.13
N GLN D 134 -4.75 -51.17 2.44
CA GLN D 134 -6.09 -51.73 2.39
C GLN D 134 -7.07 -50.74 1.79
N ILE D 135 -8.06 -51.25 1.04
CA ILE D 135 -9.11 -50.48 0.39
C ILE D 135 -10.43 -50.97 0.93
N VAL D 136 -11.09 -50.11 1.70
CA VAL D 136 -12.38 -50.40 2.34
C VAL D 136 -13.52 -49.56 1.78
N TYR D 137 -14.72 -50.12 1.84
CA TYR D 137 -15.93 -49.43 1.45
C TYR D 137 -16.76 -49.25 2.69
N ILE D 138 -17.21 -48.03 2.92
CA ILE D 138 -18.08 -47.79 4.06
C ILE D 138 -19.45 -47.30 3.54
N ASN D 139 -20.54 -48.03 3.85
CA ASN D 139 -21.84 -47.53 3.44
C ASN D 139 -22.33 -46.54 4.48
N GLU D 140 -22.86 -45.38 4.04
CA GLU D 140 -23.38 -44.38 4.98
C GLU D 140 -24.71 -44.80 5.65
N THR D 141 -25.72 -45.21 4.86
CA THR D 141 -27.06 -45.54 5.40
C THR D 141 -27.13 -46.87 6.23
N THR D 142 -26.00 -47.64 6.45
CA THR D 142 -25.97 -48.88 7.26
C THR D 142 -24.74 -48.93 8.19
N GLY D 143 -23.71 -48.21 7.82
CA GLY D 143 -22.44 -48.19 8.54
C GLY D 143 -21.64 -49.45 8.32
N GLU D 144 -21.92 -50.17 7.23
CA GLU D 144 -21.24 -51.41 6.87
C GLU D 144 -19.87 -51.15 6.24
N ARG D 145 -18.81 -51.84 6.77
CA ARG D 145 -17.44 -51.83 6.22
C ARG D 145 -17.23 -53.08 5.39
N THR D 146 -16.67 -52.91 4.18
CA THR D 146 -16.37 -54.02 3.28
C THR D 146 -14.90 -53.88 2.78
N ILE D 147 -14.02 -54.91 2.96
CA ILE D 147 -12.61 -54.79 2.50
C ILE D 147 -12.46 -55.21 1.02
N ILE D 148 -12.47 -54.21 0.10
CA ILE D 148 -12.39 -54.42 -1.36
C ILE D 148 -11.05 -55.06 -1.77
N ASP D 149 -9.91 -54.44 -1.39
CA ASP D 149 -8.58 -54.95 -1.73
C ASP D 149 -7.56 -54.71 -0.60
N SER D 150 -6.38 -55.39 -0.66
CA SER D 150 -5.27 -55.26 0.29
C SER D 150 -3.99 -55.83 -0.29
N SER D 151 -2.83 -55.24 0.07
CA SER D 151 -1.51 -55.68 -0.41
C SER D 151 -0.39 -55.40 0.58
N SER D 152 0.65 -56.24 0.51
CA SER D 152 1.85 -56.20 1.35
C SER D 152 3.09 -55.92 0.51
N LYS D 153 4.04 -55.14 1.04
CA LYS D 153 5.28 -54.82 0.34
C LYS D 153 6.46 -55.50 1.02
N SER E 6 0.80 -51.25 12.45
CA SER E 6 0.05 -50.02 12.15
C SER E 6 0.97 -48.88 11.72
N SER E 7 2.25 -49.02 12.09
CA SER E 7 3.32 -48.08 11.83
C SER E 7 3.29 -47.60 10.37
N ALA E 8 3.45 -48.54 9.43
CA ALA E 8 3.59 -48.33 7.99
C ALA E 8 2.37 -48.84 7.20
N SER E 9 1.16 -48.60 7.73
CA SER E 9 -0.06 -49.05 7.06
C SER E 9 -1.02 -47.91 6.72
N VAL E 10 -1.66 -48.01 5.55
CA VAL E 10 -2.63 -47.05 5.04
C VAL E 10 -3.95 -47.73 4.69
N VAL E 11 -5.08 -47.07 4.98
CA VAL E 11 -6.39 -47.58 4.61
C VAL E 11 -7.02 -46.51 3.74
N PHE E 12 -7.33 -46.85 2.50
CA PHE E 12 -8.02 -45.95 1.59
C PHE E 12 -9.48 -46.35 1.62
N MET E 13 -10.34 -45.36 1.62
CA MET E 13 -11.77 -45.52 1.66
C MET E 13 -12.32 -45.27 0.27
N ARG E 14 -12.97 -46.29 -0.32
CA ARG E 14 -13.59 -46.18 -1.63
C ARG E 14 -15.01 -45.65 -1.50
N PHE E 15 -15.28 -44.51 -2.16
CA PHE E 15 -16.56 -43.82 -2.10
C PHE E 15 -17.64 -44.51 -2.94
N ALA E 16 -17.26 -45.15 -4.05
CA ALA E 16 -18.25 -45.86 -4.85
C ALA E 16 -18.52 -47.26 -4.28
N PRO E 17 -19.80 -47.68 -4.25
CA PRO E 17 -20.11 -49.03 -3.74
C PRO E 17 -19.45 -50.13 -4.56
N PRO E 18 -19.17 -51.32 -3.98
CA PRO E 18 -18.57 -52.42 -4.78
C PRO E 18 -19.47 -52.77 -5.95
N GLY E 19 -18.87 -52.92 -7.13
CA GLY E 19 -19.58 -53.24 -8.36
C GLY E 19 -19.91 -52.04 -9.22
N GLU E 20 -19.90 -50.84 -8.62
CA GLU E 20 -20.17 -49.58 -9.32
C GLU E 20 -18.89 -49.03 -9.95
N GLU E 21 -19.03 -48.32 -11.08
CA GLU E 21 -17.93 -47.71 -11.82
C GLU E 21 -17.24 -46.64 -11.00
N THR E 22 -15.92 -46.74 -10.87
CA THR E 22 -15.13 -45.80 -10.11
C THR E 22 -13.74 -45.64 -10.68
N ALA E 23 -12.98 -44.70 -10.09
CA ALA E 23 -11.61 -44.44 -10.46
C ALA E 23 -10.75 -45.63 -10.10
N LEU E 24 -9.63 -45.81 -10.80
CA LEU E 24 -8.66 -46.87 -10.50
C LEU E 24 -8.13 -46.52 -9.10
N PRO E 25 -7.88 -47.51 -8.22
CA PRO E 25 -7.47 -47.17 -6.84
C PRO E 25 -6.09 -46.53 -6.71
N PRO E 26 -5.74 -45.83 -5.59
CA PRO E 26 -4.38 -45.30 -5.49
C PRO E 26 -3.40 -46.46 -5.50
N ARG E 27 -2.38 -46.42 -6.38
CA ARG E 27 -1.37 -47.48 -6.39
C ARG E 27 0.03 -46.93 -6.74
N ARG E 28 1.05 -47.50 -6.11
CA ARG E 28 2.43 -47.14 -6.37
C ARG E 28 2.84 -47.89 -7.63
N ALA E 29 3.42 -47.17 -8.60
CA ALA E 29 3.83 -47.69 -9.89
C ALA E 29 4.94 -48.75 -9.83
N THR E 30 5.96 -48.54 -8.98
CA THR E 30 7.10 -49.45 -8.86
C THR E 30 7.45 -49.69 -7.37
N PRO E 31 8.32 -50.67 -7.02
CA PRO E 31 8.73 -50.82 -5.61
C PRO E 31 9.57 -49.63 -5.08
N GLY E 32 10.12 -48.82 -5.98
CA GLY E 32 10.90 -47.64 -5.62
C GLY E 32 10.07 -46.39 -5.52
N SER E 33 8.73 -46.52 -5.77
CA SER E 33 7.81 -45.37 -5.74
C SER E 33 7.55 -44.93 -4.31
N VAL E 34 7.77 -43.65 -4.07
CA VAL E 34 7.59 -43.04 -2.76
C VAL E 34 6.14 -42.53 -2.65
N ALA E 35 5.43 -42.46 -3.83
CA ALA E 35 4.08 -41.92 -3.98
C ALA E 35 3.12 -42.83 -4.71
N TYR E 36 1.86 -42.69 -4.36
CA TYR E 36 0.72 -43.41 -4.90
C TYR E 36 0.14 -42.61 -6.06
N ASP E 37 -0.07 -43.24 -7.22
CA ASP E 37 -0.70 -42.60 -8.36
C ASP E 37 -2.20 -42.44 -8.09
N LEU E 38 -2.73 -41.26 -8.37
CA LEU E 38 -4.15 -40.95 -8.20
C LEU E 38 -4.78 -40.88 -9.58
N PHE E 39 -6.01 -41.36 -9.67
CA PHE E 39 -6.75 -41.46 -10.94
C PHE E 39 -8.08 -40.76 -10.84
N PRO E 40 -8.60 -40.20 -11.95
CA PRO E 40 -9.92 -39.55 -11.90
C PRO E 40 -11.09 -40.52 -11.99
N SER E 41 -12.20 -40.18 -11.32
CA SER E 41 -13.44 -40.93 -11.33
C SER E 41 -14.14 -40.75 -12.67
N GLU E 42 -14.11 -39.51 -13.17
CA GLU E 42 -14.75 -39.10 -14.40
C GLU E 42 -13.79 -38.42 -15.36
N GLU E 43 -14.12 -38.48 -16.64
CA GLU E 43 -13.36 -37.85 -17.70
C GLU E 43 -13.84 -36.40 -17.91
N MET E 44 -12.92 -35.49 -18.20
CA MET E 44 -13.20 -34.09 -18.49
C MET E 44 -12.09 -33.51 -19.33
N ASP E 45 -12.33 -32.32 -19.89
CA ASP E 45 -11.32 -31.60 -20.64
C ASP E 45 -11.14 -30.23 -20.00
N ILE E 46 -9.98 -29.96 -19.42
CA ILE E 46 -9.68 -28.69 -18.77
C ILE E 46 -9.38 -27.66 -19.83
N GLU E 47 -10.27 -26.69 -19.98
CA GLU E 47 -10.17 -25.58 -20.94
C GLU E 47 -8.85 -24.77 -20.75
N PRO E 48 -8.33 -24.07 -21.79
CA PRO E 48 -7.12 -23.25 -21.57
C PRO E 48 -7.27 -22.30 -20.39
N MET E 49 -6.18 -22.15 -19.60
CA MET E 49 -6.12 -21.31 -18.38
C MET E 49 -7.04 -21.79 -17.22
N GLY E 50 -7.68 -22.95 -17.40
CA GLY E 50 -8.61 -23.51 -16.44
C GLY E 50 -8.01 -24.11 -15.18
N LEU E 51 -8.81 -24.08 -14.11
CA LEU E 51 -8.51 -24.63 -12.80
C LEU E 51 -9.59 -25.65 -12.47
N ALA E 52 -9.19 -26.90 -12.30
CA ALA E 52 -10.11 -27.99 -12.06
C ALA E 52 -9.91 -28.63 -10.70
N LYS E 53 -11.01 -29.12 -10.14
CA LYS E 53 -11.07 -29.84 -8.87
C LYS E 53 -11.56 -31.24 -9.33
N ILE E 54 -10.63 -32.20 -9.39
CA ILE E 54 -10.87 -33.55 -9.89
C ILE E 54 -11.01 -34.54 -8.75
N SER E 55 -12.15 -35.24 -8.72
CA SER E 55 -12.47 -36.28 -7.74
C SER E 55 -11.66 -37.55 -8.07
N THR E 56 -11.08 -38.18 -7.04
CA THR E 56 -10.28 -39.40 -7.22
C THR E 56 -11.01 -40.69 -6.84
N GLY E 57 -12.20 -40.57 -6.24
CA GLY E 57 -13.03 -41.69 -5.83
C GLY E 57 -12.65 -42.29 -4.49
N TYR E 58 -11.57 -41.79 -3.87
CA TYR E 58 -11.04 -42.31 -2.61
C TYR E 58 -10.71 -41.24 -1.56
N GLY E 59 -10.79 -41.64 -0.31
CA GLY E 59 -10.38 -40.85 0.82
C GLY E 59 -9.39 -41.66 1.62
N ILE E 60 -8.73 -41.05 2.61
CA ILE E 60 -7.80 -41.76 3.48
C ILE E 60 -8.54 -42.02 4.79
N ASP E 61 -8.80 -43.31 5.07
CA ASP E 61 -9.46 -43.63 6.32
C ASP E 61 -8.44 -43.69 7.47
N LYS E 62 -7.23 -44.22 7.21
CA LYS E 62 -6.15 -44.34 8.19
C LYS E 62 -4.81 -43.96 7.56
N PHE E 63 -4.11 -43.03 8.21
CA PHE E 63 -2.80 -42.55 7.76
C PHE E 63 -1.71 -43.35 8.48
N PRO E 64 -0.50 -43.53 7.87
CA PRO E 64 0.60 -44.14 8.64
C PRO E 64 0.97 -43.19 9.79
N ASP E 65 1.49 -43.73 10.90
CA ASP E 65 1.88 -42.99 12.10
C ASP E 65 2.89 -41.88 11.81
N GLY E 66 2.62 -40.70 12.38
CA GLY E 66 3.44 -39.50 12.26
C GLY E 66 3.43 -38.86 10.88
N CYS E 67 2.47 -39.28 9.99
CA CYS E 67 2.37 -38.81 8.60
C CYS E 67 1.04 -38.20 8.20
N TYR E 68 1.12 -37.27 7.25
CA TYR E 68 -0.01 -36.60 6.63
C TYR E 68 0.16 -36.83 5.12
N GLY E 69 -0.87 -36.53 4.35
CA GLY E 69 -0.86 -36.73 2.91
C GLY E 69 -0.61 -35.45 2.14
N GLN E 70 0.32 -35.51 1.20
CA GLN E 70 0.65 -34.39 0.33
C GLN E 70 0.42 -34.85 -1.11
N ILE E 71 -0.51 -34.17 -1.79
CA ILE E 71 -0.79 -34.40 -3.20
C ILE E 71 0.21 -33.52 -3.94
N VAL E 72 0.95 -34.12 -4.88
CA VAL E 72 1.95 -33.43 -5.67
C VAL E 72 1.70 -33.73 -7.14
N SER E 73 2.23 -32.91 -8.03
CA SER E 73 2.15 -33.09 -9.47
C SER E 73 3.07 -34.26 -9.88
N ARG E 74 2.74 -34.93 -11.00
CA ARG E 74 3.58 -35.96 -11.65
C ARG E 74 4.44 -35.19 -12.65
N SER E 75 5.69 -35.60 -12.88
CA SER E 75 6.56 -34.91 -13.85
C SER E 75 6.06 -35.00 -15.31
N GLY E 76 5.73 -36.23 -15.75
CA GLY E 76 5.23 -36.51 -17.09
C GLY E 76 4.05 -35.64 -17.48
N MET E 77 2.96 -35.66 -16.69
CA MET E 77 1.73 -34.89 -16.92
C MET E 77 2.01 -33.32 -16.89
N THR E 78 2.88 -32.78 -15.96
CA THR E 78 3.30 -31.36 -15.85
C THR E 78 3.97 -30.88 -17.14
N TRP E 79 4.94 -31.65 -17.64
CA TRP E 79 5.70 -31.30 -18.83
C TRP E 79 4.89 -31.43 -20.14
N LYS E 80 4.18 -32.55 -20.32
CA LYS E 80 3.39 -32.87 -21.50
C LYS E 80 2.12 -32.03 -21.66
N ASN E 81 1.40 -31.76 -20.56
CA ASN E 81 0.14 -31.05 -20.58
C ASN E 81 0.17 -29.64 -20.02
N ASN E 82 1.37 -29.12 -19.70
CA ASN E 82 1.56 -27.76 -19.17
C ASN E 82 0.67 -27.47 -17.92
N THR E 83 0.68 -28.40 -16.94
CA THR E 83 -0.12 -28.35 -15.73
C THR E 83 0.69 -28.20 -14.42
N SER E 84 -0.01 -27.92 -13.32
CA SER E 84 0.54 -27.82 -11.98
C SER E 84 -0.56 -28.13 -10.96
N VAL E 85 -0.13 -28.53 -9.74
CA VAL E 85 -1.00 -28.87 -8.61
C VAL E 85 -0.76 -27.75 -7.58
N PRO E 86 -1.56 -26.65 -7.60
CA PRO E 86 -1.26 -25.51 -6.70
C PRO E 86 -1.48 -25.71 -5.20
N THR E 87 -2.28 -26.73 -4.81
CA THR E 87 -2.52 -27.05 -3.39
C THR E 87 -2.63 -28.58 -3.20
N GLY E 88 -2.35 -29.10 -2.01
CA GLY E 88 -2.47 -30.54 -1.78
C GLY E 88 -2.19 -31.07 -0.38
N THR E 89 -2.35 -30.22 0.66
CA THR E 89 -2.10 -30.61 2.06
C THR E 89 -3.34 -31.31 2.61
N ILE E 90 -3.22 -32.58 2.99
CA ILE E 90 -4.30 -33.38 3.54
C ILE E 90 -4.03 -33.61 5.03
N ASP E 91 -4.79 -32.92 5.88
CA ASP E 91 -4.68 -33.08 7.30
C ASP E 91 -5.11 -34.48 7.74
N VAL E 92 -4.54 -34.96 8.87
CA VAL E 92 -4.80 -36.29 9.43
C VAL E 92 -6.27 -36.49 9.86
N ASP E 93 -7.03 -35.39 9.99
CA ASP E 93 -8.45 -35.44 10.37
C ASP E 93 -9.41 -35.40 9.18
N TYR E 94 -8.87 -35.24 7.95
CA TYR E 94 -9.69 -35.16 6.75
C TYR E 94 -10.22 -36.54 6.37
N ARG E 95 -11.58 -36.70 6.36
CA ARG E 95 -12.23 -37.98 6.03
C ARG E 95 -13.04 -37.93 4.74
N GLY E 96 -12.92 -36.84 3.98
CA GLY E 96 -13.60 -36.69 2.71
C GLY E 96 -12.82 -37.30 1.57
N GLU E 97 -13.33 -37.15 0.35
CA GLU E 97 -12.73 -37.67 -0.86
C GLU E 97 -11.56 -36.76 -1.28
N LEU E 98 -10.44 -37.37 -1.65
CA LEU E 98 -9.30 -36.63 -2.18
C LEU E 98 -9.69 -36.06 -3.55
N LYS E 99 -9.44 -34.77 -3.72
CA LYS E 99 -9.72 -34.02 -4.92
C LYS E 99 -8.47 -33.30 -5.29
N VAL E 100 -8.02 -33.50 -6.52
CA VAL E 100 -6.80 -32.92 -7.05
C VAL E 100 -7.16 -31.57 -7.69
N ILE E 101 -6.42 -30.52 -7.32
CA ILE E 101 -6.58 -29.19 -7.89
C ILE E 101 -5.51 -29.11 -8.97
N LEU E 102 -5.94 -28.95 -10.21
CA LEU E 102 -5.03 -28.97 -11.35
C LEU E 102 -5.24 -27.74 -12.22
N ARG E 103 -4.16 -26.97 -12.43
CA ARG E 103 -4.18 -25.80 -13.29
C ARG E 103 -3.62 -26.14 -14.69
N ASN E 104 -4.30 -25.70 -15.74
CA ASN E 104 -3.83 -25.82 -17.11
C ASN E 104 -3.25 -24.44 -17.44
N HIS E 105 -1.93 -24.40 -17.72
CA HIS E 105 -1.23 -23.16 -18.05
C HIS E 105 -1.25 -22.85 -19.55
N SER E 106 -1.77 -23.78 -20.38
CA SER E 106 -1.84 -23.52 -21.82
C SER E 106 -2.91 -22.46 -22.16
N ALA E 107 -2.59 -21.57 -23.10
CA ALA E 107 -3.51 -20.52 -23.53
C ALA E 107 -4.29 -21.01 -24.75
N GLU E 108 -3.89 -22.17 -25.31
CA GLU E 108 -4.48 -22.76 -26.50
C GLU E 108 -5.02 -24.18 -26.37
N LYS E 109 -4.34 -25.05 -25.61
CA LYS E 109 -4.72 -26.45 -25.53
C LYS E 109 -5.49 -26.82 -24.28
N SER E 110 -6.46 -27.73 -24.44
CA SER E 110 -7.25 -28.24 -23.32
C SER E 110 -6.52 -29.49 -22.76
N VAL E 111 -6.71 -29.76 -21.46
CA VAL E 111 -6.05 -30.91 -20.84
C VAL E 111 -7.00 -32.10 -20.74
N PRO E 112 -6.69 -33.23 -21.42
CA PRO E 112 -7.57 -34.40 -21.28
C PRO E 112 -7.39 -35.14 -19.94
N ILE E 113 -8.50 -35.29 -19.20
CA ILE E 113 -8.56 -36.02 -17.95
C ILE E 113 -9.28 -37.33 -18.32
N ARG E 114 -8.58 -38.46 -18.15
CA ARG E 114 -9.06 -39.78 -18.57
C ARG E 114 -8.92 -40.82 -17.46
N LYS E 115 -9.92 -41.71 -17.30
CA LYS E 115 -10.00 -42.74 -16.25
C LYS E 115 -8.73 -43.61 -16.05
N GLY E 116 -8.11 -44.12 -17.08
CA GLY E 116 -6.91 -44.93 -16.82
C GLY E 116 -5.58 -44.20 -16.68
N THR E 117 -5.58 -42.84 -16.78
CA THR E 117 -4.40 -41.99 -16.71
C THR E 117 -4.30 -41.22 -15.40
N SER E 118 -3.18 -41.37 -14.69
CA SER E 118 -2.91 -40.69 -13.42
C SER E 118 -2.80 -39.17 -13.60
N ILE E 119 -3.35 -38.40 -12.65
CA ILE E 119 -3.45 -36.93 -12.65
C ILE E 119 -2.53 -36.27 -11.63
N ALA E 120 -2.09 -37.05 -10.65
CA ALA E 120 -1.23 -36.60 -9.56
C ALA E 120 -0.76 -37.78 -8.75
N GLN E 121 0.01 -37.48 -7.73
CA GLN E 121 0.47 -38.53 -6.85
C GLN E 121 0.39 -38.06 -5.41
N LEU E 122 0.31 -39.01 -4.50
CA LEU E 122 0.15 -38.78 -3.08
C LEU E 122 1.30 -39.37 -2.29
N ILE E 123 1.93 -38.53 -1.47
CA ILE E 123 3.04 -38.91 -0.62
C ILE E 123 2.65 -38.77 0.84
N PHE E 124 3.12 -39.72 1.65
CA PHE E 124 2.93 -39.71 3.07
C PHE E 124 4.23 -39.18 3.67
N LEU E 125 4.19 -37.89 4.07
CA LEU E 125 5.34 -37.17 4.64
C LEU E 125 5.31 -37.12 6.17
N ARG E 126 6.47 -37.26 6.81
CA ARG E 126 6.59 -37.16 8.27
C ARG E 126 6.58 -35.68 8.69
N TYR E 127 5.69 -35.32 9.61
CA TYR E 127 5.55 -33.96 10.10
C TYR E 127 5.59 -33.99 11.63
N CYS E 128 5.77 -32.80 12.25
CA CYS E 128 5.71 -32.67 13.68
C CYS E 128 4.35 -32.14 14.09
N ASP E 129 3.68 -32.90 14.97
CA ASP E 129 2.39 -32.54 15.53
C ASP E 129 2.78 -31.81 16.80
N VAL E 130 2.88 -30.50 16.66
CA VAL E 130 3.32 -29.59 17.72
C VAL E 130 2.51 -29.75 18.99
N GLU E 131 3.23 -29.95 20.12
CA GLU E 131 2.66 -30.11 21.45
C GLU E 131 2.68 -28.81 22.21
N GLU E 132 3.77 -28.01 22.04
CA GLU E 132 3.93 -26.74 22.73
C GLU E 132 4.26 -25.62 21.79
N GLU E 133 3.58 -24.49 22.00
CA GLU E 133 3.78 -23.26 21.28
C GLU E 133 4.09 -22.12 22.26
N GLN E 134 5.03 -21.28 21.86
CA GLN E 134 5.41 -20.11 22.62
C GLN E 134 5.65 -18.97 21.63
N ILE E 135 5.18 -17.79 21.97
CA ILE E 135 5.45 -16.60 21.18
C ILE E 135 6.29 -15.70 22.07
N VAL E 136 7.46 -15.24 21.56
CA VAL E 136 8.37 -14.41 22.36
C VAL E 136 8.76 -13.04 21.67
N TYR E 137 9.08 -12.04 22.52
CA TYR E 137 9.69 -10.79 22.07
C TYR E 137 11.12 -10.79 22.63
N ILE E 138 12.11 -10.64 21.74
CA ILE E 138 13.54 -10.63 22.09
C ILE E 138 14.11 -9.23 21.91
N ASN E 139 14.77 -8.69 22.97
CA ASN E 139 15.48 -7.39 22.92
C ASN E 139 16.68 -7.71 22.02
N GLU E 140 16.65 -7.24 20.75
CA GLU E 140 17.69 -7.54 19.75
C GLU E 140 19.07 -6.93 20.10
N THR E 141 19.16 -6.33 21.32
CA THR E 141 20.37 -5.73 21.85
C THR E 141 20.92 -6.56 23.01
N THR E 142 20.09 -6.80 24.06
CA THR E 142 20.49 -7.54 25.26
C THR E 142 20.17 -9.01 25.20
N GLY E 143 19.48 -9.41 24.14
CA GLY E 143 18.99 -10.78 23.94
C GLY E 143 17.93 -11.18 24.95
N GLU E 144 17.41 -10.21 25.74
CA GLU E 144 16.40 -10.44 26.77
C GLU E 144 15.09 -10.92 26.18
N ARG E 145 14.54 -12.01 26.74
CA ARG E 145 13.35 -12.67 26.24
C ARG E 145 12.11 -12.42 27.06
N THR E 146 10.97 -12.09 26.41
CA THR E 146 9.74 -11.90 27.18
C THR E 146 8.60 -12.71 26.51
N ILE E 147 8.09 -13.78 27.23
CA ILE E 147 7.04 -14.68 26.73
C ILE E 147 5.72 -13.93 26.61
N ILE E 148 5.25 -13.74 25.37
CA ILE E 148 4.03 -12.99 25.07
C ILE E 148 2.83 -13.89 25.28
N ASP E 149 2.90 -15.12 24.75
CA ASP E 149 1.84 -16.12 24.83
C ASP E 149 2.39 -17.54 24.74
N SER E 150 1.60 -18.50 25.29
CA SER E 150 1.92 -19.92 25.35
C SER E 150 0.69 -20.77 24.99
N SER E 151 0.93 -21.98 24.45
CA SER E 151 -0.11 -22.92 24.02
C SER E 151 0.30 -24.37 24.29
N SER E 152 -0.69 -25.28 24.53
CA SER E 152 -0.45 -26.71 24.76
C SER E 152 -1.48 -27.58 24.06
N SER F 6 11.34 -30.71 24.29
CA SER F 6 11.84 -29.90 23.18
C SER F 6 11.57 -30.49 21.78
N SER F 7 11.37 -31.82 21.70
CA SER F 7 11.12 -32.57 20.45
C SER F 7 9.88 -32.09 19.62
N ALA F 8 8.82 -31.62 20.29
CA ALA F 8 7.58 -31.18 19.66
C ALA F 8 7.21 -29.77 20.08
N SER F 9 8.22 -28.90 20.26
CA SER F 9 7.99 -27.52 20.67
C SER F 9 8.50 -26.50 19.66
N VAL F 10 7.74 -25.42 19.50
CA VAL F 10 8.06 -24.31 18.60
C VAL F 10 8.01 -22.96 19.33
N VAL F 11 8.96 -22.06 19.00
CA VAL F 11 8.98 -20.72 19.55
C VAL F 11 8.92 -19.76 18.37
N PHE F 12 7.89 -18.93 18.32
CA PHE F 12 7.78 -17.91 17.29
C PHE F 12 8.28 -16.60 17.90
N MET F 13 9.02 -15.84 17.12
CA MET F 13 9.58 -14.55 17.49
C MET F 13 8.73 -13.42 16.88
N ARG F 14 8.21 -12.56 17.74
CA ARG F 14 7.41 -11.40 17.38
C ARG F 14 8.34 -10.24 17.01
N PHE F 15 8.15 -9.69 15.80
CA PHE F 15 9.02 -8.59 15.34
C PHE F 15 8.60 -7.25 15.88
N ALA F 16 7.28 -6.98 15.96
CA ALA F 16 6.80 -5.71 16.47
C ALA F 16 6.99 -5.66 18.00
N PRO F 17 7.43 -4.49 18.55
CA PRO F 17 7.56 -4.39 20.01
C PRO F 17 6.21 -4.60 20.72
N PRO F 18 6.19 -5.15 21.96
CA PRO F 18 4.91 -5.33 22.65
C PRO F 18 4.16 -3.99 22.77
N GLY F 19 2.87 -4.02 22.48
CA GLY F 19 2.04 -2.83 22.50
C GLY F 19 1.80 -2.22 21.15
N GLU F 20 2.66 -2.55 20.17
CA GLU F 20 2.55 -2.02 18.81
C GLU F 20 1.66 -2.89 17.97
N GLU F 21 0.92 -2.29 16.98
CA GLU F 21 0.00 -3.07 16.15
C GLU F 21 0.73 -4.04 15.24
N THR F 22 0.26 -5.29 15.20
CA THR F 22 0.89 -6.34 14.40
C THR F 22 -0.14 -7.38 13.92
N ALA F 23 0.33 -8.32 13.10
CA ALA F 23 -0.45 -9.44 12.58
C ALA F 23 -0.85 -10.34 13.73
N LEU F 24 -1.92 -11.12 13.51
CA LEU F 24 -2.37 -12.13 14.44
C LEU F 24 -1.24 -13.16 14.48
N PRO F 25 -0.91 -13.73 15.66
CA PRO F 25 0.19 -14.72 15.70
C PRO F 25 -0.04 -16.02 14.92
N PRO F 26 0.97 -16.80 14.49
CA PRO F 26 0.67 -18.10 13.82
C PRO F 26 -0.23 -18.92 14.72
N ARG F 27 -1.39 -19.26 14.17
CA ARG F 27 -2.48 -19.91 14.87
C ARG F 27 -2.72 -21.35 14.41
N ARG F 28 -2.73 -22.31 15.34
CA ARG F 28 -3.01 -23.68 15.03
C ARG F 28 -4.37 -23.77 14.31
N ALA F 29 -4.34 -24.40 13.16
CA ALA F 29 -5.55 -24.57 12.36
C ALA F 29 -6.38 -25.70 13.00
N THR F 30 -7.53 -25.39 13.60
CA THR F 30 -8.33 -26.41 14.29
C THR F 30 -9.69 -26.68 13.58
N PRO F 31 -10.20 -27.95 13.51
CA PRO F 31 -9.75 -29.17 14.23
C PRO F 31 -8.55 -29.93 13.65
N GLY F 32 -7.79 -29.31 12.74
CA GLY F 32 -6.59 -29.88 12.15
C GLY F 32 -5.47 -30.11 13.14
N SER F 33 -4.37 -30.69 12.64
CA SER F 33 -3.24 -31.06 13.51
C SER F 33 -1.87 -30.74 12.90
N VAL F 34 -1.84 -30.54 11.58
CA VAL F 34 -0.62 -30.39 10.80
C VAL F 34 -0.11 -28.97 10.66
N ALA F 35 -0.99 -28.01 10.42
CA ALA F 35 -0.60 -26.65 10.05
C ALA F 35 -0.90 -25.52 11.03
N TYR F 36 -0.10 -24.41 10.93
CA TYR F 36 -0.34 -23.14 11.59
C TYR F 36 -0.84 -22.16 10.53
N ASP F 37 -1.89 -21.45 10.82
CA ASP F 37 -2.37 -20.39 9.93
C ASP F 37 -1.46 -19.14 10.07
N LEU F 38 -1.05 -18.56 8.94
CA LEU F 38 -0.24 -17.34 8.92
C LEU F 38 -1.13 -16.16 8.51
N PHE F 39 -0.92 -14.99 9.14
CA PHE F 39 -1.72 -13.79 8.95
C PHE F 39 -0.89 -12.61 8.53
N PRO F 40 -1.47 -11.66 7.75
CA PRO F 40 -0.71 -10.47 7.34
C PRO F 40 -0.65 -9.34 8.38
N SER F 41 0.47 -8.61 8.38
CA SER F 41 0.71 -7.44 9.23
C SER F 41 -0.09 -6.26 8.69
N GLU F 42 -0.17 -6.16 7.35
CA GLU F 42 -0.85 -5.09 6.64
C GLU F 42 -1.81 -5.59 5.57
N GLU F 43 -2.77 -4.73 5.22
CA GLU F 43 -3.79 -4.99 4.22
C GLU F 43 -3.35 -4.48 2.87
N MET F 44 -3.71 -5.23 1.81
CA MET F 44 -3.40 -4.90 0.43
C MET F 44 -4.32 -5.63 -0.53
N ASP F 45 -4.29 -5.25 -1.81
CA ASP F 45 -5.04 -5.92 -2.86
C ASP F 45 -4.07 -6.35 -3.94
N ILE F 46 -3.89 -7.68 -4.12
CA ILE F 46 -2.97 -8.19 -5.14
C ILE F 46 -3.65 -8.11 -6.50
N GLU F 47 -3.13 -7.22 -7.37
CA GLU F 47 -3.61 -6.98 -8.73
C GLU F 47 -3.63 -8.31 -9.58
N PRO F 48 -4.48 -8.40 -10.64
CA PRO F 48 -4.45 -9.60 -11.48
C PRO F 48 -3.04 -9.91 -11.98
N MET F 49 -2.68 -11.20 -12.02
CA MET F 49 -1.36 -11.71 -12.47
C MET F 49 -0.19 -11.33 -11.52
N GLY F 50 -0.48 -10.61 -10.43
CA GLY F 50 0.50 -10.12 -9.47
C GLY F 50 1.14 -11.17 -8.58
N LEU F 51 2.36 -10.84 -8.13
CA LEU F 51 3.19 -11.62 -7.21
C LEU F 51 3.49 -10.69 -6.01
N ALA F 52 3.02 -11.08 -4.82
CA ALA F 52 3.18 -10.30 -3.61
C ALA F 52 4.01 -11.02 -2.57
N LYS F 53 4.68 -10.21 -1.77
CA LYS F 53 5.53 -10.63 -0.67
C LYS F 53 4.84 -10.03 0.56
N ILE F 54 4.16 -10.87 1.33
CA ILE F 54 3.37 -10.44 2.49
C ILE F 54 4.07 -10.78 3.80
N SER F 55 4.35 -9.75 4.62
CA SER F 55 4.98 -9.86 5.95
C SER F 55 3.95 -10.43 6.93
N THR F 56 4.38 -11.38 7.77
CA THR F 56 3.50 -12.04 8.73
C THR F 56 3.69 -11.54 10.17
N GLY F 57 4.71 -10.70 10.39
CA GLY F 57 5.04 -10.12 11.70
C GLY F 57 5.83 -11.04 12.63
N TYR F 58 6.09 -12.30 12.20
CA TYR F 58 6.79 -13.30 13.01
C TYR F 58 7.90 -14.06 12.28
N GLY F 59 8.85 -14.53 13.08
CA GLY F 59 9.90 -15.43 12.63
C GLY F 59 9.86 -16.68 13.51
N ILE F 60 10.62 -17.70 13.16
CA ILE F 60 10.73 -18.92 13.99
C ILE F 60 12.04 -18.81 14.80
N ASP F 61 11.93 -18.71 16.12
CA ASP F 61 13.07 -18.65 17.01
C ASP F 61 13.61 -20.07 17.30
N LYS F 62 12.71 -21.05 17.44
CA LYS F 62 13.08 -22.43 17.71
C LYS F 62 12.18 -23.38 16.94
N PHE F 63 12.80 -24.25 16.15
CA PHE F 63 12.11 -25.25 15.32
C PHE F 63 12.02 -26.55 16.14
N PRO F 64 10.99 -27.40 15.91
CA PRO F 64 11.00 -28.72 16.56
C PRO F 64 12.21 -29.49 16.01
N ASP F 65 12.83 -30.35 16.81
CA ASP F 65 14.01 -31.13 16.42
C ASP F 65 13.76 -31.98 15.19
N GLY F 66 14.73 -31.94 14.25
CA GLY F 66 14.72 -32.62 12.95
C GLY F 66 13.81 -32.01 11.89
N CYS F 67 13.23 -30.82 12.16
CA CYS F 67 12.29 -30.17 11.21
C CYS F 67 12.76 -28.85 10.66
N TYR F 68 12.05 -28.44 9.62
CA TYR F 68 12.21 -27.13 8.98
C TYR F 68 10.75 -26.69 8.71
N GLY F 69 10.56 -25.46 8.34
CA GLY F 69 9.25 -24.92 8.06
C GLY F 69 8.98 -24.79 6.58
N GLN F 70 7.81 -25.21 6.19
CA GLN F 70 7.36 -25.14 4.83
C GLN F 70 6.07 -24.36 4.83
N ILE F 71 6.08 -23.22 4.13
CA ILE F 71 4.91 -22.38 3.92
C ILE F 71 4.21 -23.00 2.70
N VAL F 72 2.91 -23.33 2.87
CA VAL F 72 2.10 -23.93 1.83
C VAL F 72 0.84 -23.09 1.64
N SER F 73 0.20 -23.21 0.49
CA SER F 73 -1.05 -22.55 0.19
C SER F 73 -2.18 -23.19 0.98
N ARG F 74 -3.25 -22.42 1.20
CA ARG F 74 -4.48 -22.91 1.85
C ARG F 74 -5.35 -23.43 0.69
N SER F 75 -6.11 -24.51 0.90
CA SER F 75 -6.97 -25.02 -0.20
C SER F 75 -8.10 -24.08 -0.62
N GLY F 76 -8.76 -23.46 0.37
CA GLY F 76 -9.89 -22.56 0.16
C GLY F 76 -9.53 -21.40 -0.72
N MET F 77 -8.47 -20.70 -0.32
CA MET F 77 -7.88 -19.56 -1.01
C MET F 77 -7.51 -19.92 -2.43
N THR F 78 -6.75 -21.02 -2.59
CA THR F 78 -6.27 -21.49 -3.90
C THR F 78 -7.42 -21.60 -4.88
N TRP F 79 -8.52 -22.26 -4.47
CA TRP F 79 -9.70 -22.48 -5.30
C TRP F 79 -10.58 -21.24 -5.49
N LYS F 80 -10.87 -20.51 -4.39
CA LYS F 80 -11.73 -19.32 -4.41
C LYS F 80 -11.09 -18.07 -5.00
N ASN F 81 -9.81 -17.81 -4.72
CA ASN F 81 -9.10 -16.61 -5.13
C ASN F 81 -8.08 -16.84 -6.21
N ASN F 82 -8.03 -18.06 -6.80
CA ASN F 82 -7.11 -18.46 -7.88
C ASN F 82 -5.64 -18.09 -7.57
N THR F 83 -5.16 -18.46 -6.37
CA THR F 83 -3.80 -18.17 -5.87
C THR F 83 -2.94 -19.42 -5.68
N SER F 84 -1.64 -19.18 -5.48
CA SER F 84 -0.64 -20.19 -5.19
C SER F 84 0.50 -19.57 -4.40
N VAL F 85 1.24 -20.43 -3.67
CA VAL F 85 2.41 -20.06 -2.89
C VAL F 85 3.60 -20.69 -3.60
N PRO F 86 4.27 -19.97 -4.53
CA PRO F 86 5.34 -20.59 -5.34
C PRO F 86 6.65 -20.95 -4.65
N THR F 87 6.90 -20.45 -3.45
CA THR F 87 8.13 -20.76 -2.69
C THR F 87 7.78 -20.69 -1.20
N GLY F 88 8.50 -21.45 -0.38
CA GLY F 88 8.23 -21.42 1.05
C GLY F 88 9.09 -22.30 1.94
N THR F 89 10.35 -22.57 1.53
CA THR F 89 11.30 -23.38 2.28
C THR F 89 12.02 -22.49 3.29
N ILE F 90 11.80 -22.72 4.59
CA ILE F 90 12.40 -21.93 5.66
C ILE F 90 13.49 -22.78 6.33
N ASP F 91 14.76 -22.39 6.11
CA ASP F 91 15.92 -23.07 6.68
C ASP F 91 15.93 -22.89 8.20
N VAL F 92 16.49 -23.88 8.92
CA VAL F 92 16.59 -23.90 10.39
C VAL F 92 17.44 -22.74 10.98
N ASP F 93 18.22 -22.03 10.15
CA ASP F 93 19.06 -20.90 10.57
C ASP F 93 18.41 -19.56 10.23
N TYR F 94 17.26 -19.58 9.53
CA TYR F 94 16.60 -18.32 9.17
C TYR F 94 15.96 -17.69 10.44
N ARG F 95 16.40 -16.49 10.75
CA ARG F 95 15.97 -15.72 11.92
C ARG F 95 15.16 -14.48 11.52
N GLY F 96 15.01 -14.22 10.22
CA GLY F 96 14.20 -13.10 9.78
C GLY F 96 12.70 -13.38 9.90
N GLU F 97 11.92 -12.42 9.43
CA GLU F 97 10.48 -12.48 9.45
C GLU F 97 9.98 -13.34 8.31
N LEU F 98 9.01 -14.22 8.58
CA LEU F 98 8.38 -15.03 7.54
C LEU F 98 7.55 -14.09 6.64
N LYS F 99 7.78 -14.22 5.34
CA LYS F 99 7.09 -13.45 4.31
C LYS F 99 6.56 -14.46 3.33
N VAL F 100 5.25 -14.41 3.09
CA VAL F 100 4.52 -15.31 2.20
C VAL F 100 4.56 -14.73 0.80
N ILE F 101 4.99 -15.56 -0.17
CA ILE F 101 5.02 -15.19 -1.57
C ILE F 101 3.72 -15.76 -2.14
N LEU F 102 2.88 -14.89 -2.67
CA LEU F 102 1.59 -15.30 -3.14
C LEU F 102 1.35 -14.77 -4.56
N ARG F 103 1.03 -15.70 -5.49
CA ARG F 103 0.74 -15.40 -6.88
C ARG F 103 -0.76 -15.38 -7.12
N ASN F 104 -1.26 -14.31 -7.81
CA ASN F 104 -2.63 -14.12 -8.24
C ASN F 104 -2.71 -14.61 -9.69
N HIS F 105 -3.34 -15.79 -9.95
CA HIS F 105 -3.43 -16.33 -11.32
C HIS F 105 -4.60 -15.74 -12.10
N SER F 106 -5.47 -14.95 -11.44
CA SER F 106 -6.63 -14.36 -12.10
C SER F 106 -6.19 -13.24 -13.04
N ALA F 107 -6.80 -13.18 -14.21
CA ALA F 107 -6.52 -12.14 -15.19
C ALA F 107 -7.47 -10.98 -14.99
N GLU F 108 -8.48 -11.16 -14.13
CA GLU F 108 -9.53 -10.17 -13.86
C GLU F 108 -9.70 -9.72 -12.40
N LYS F 109 -9.55 -10.64 -11.45
CA LYS F 109 -9.82 -10.33 -10.04
C LYS F 109 -8.59 -10.10 -9.20
N SER F 110 -8.69 -9.12 -8.30
CA SER F 110 -7.63 -8.80 -7.35
C SER F 110 -7.84 -9.65 -6.08
N VAL F 111 -6.77 -9.94 -5.35
CA VAL F 111 -6.88 -10.75 -4.14
C VAL F 111 -6.86 -9.88 -2.89
N PRO F 112 -7.95 -9.89 -2.09
CA PRO F 112 -7.95 -9.07 -0.85
C PRO F 112 -7.11 -9.70 0.27
N ILE F 113 -6.14 -8.96 0.79
CA ILE F 113 -5.29 -9.34 1.92
C ILE F 113 -5.78 -8.52 3.10
N ARG F 114 -6.31 -9.19 4.12
CA ARG F 114 -6.93 -8.54 5.29
C ARG F 114 -6.38 -9.10 6.59
N LYS F 115 -6.27 -8.23 7.59
CA LYS F 115 -5.72 -8.48 8.93
C LYS F 115 -6.13 -9.81 9.60
N GLY F 116 -7.41 -10.05 9.79
CA GLY F 116 -7.77 -11.30 10.47
C GLY F 116 -7.92 -12.55 9.63
N THR F 117 -7.60 -12.49 8.32
CA THR F 117 -7.77 -13.61 7.40
C THR F 117 -6.42 -14.22 7.00
N SER F 118 -6.29 -15.55 7.18
CA SER F 118 -5.08 -16.29 6.87
C SER F 118 -4.74 -16.27 5.38
N ILE F 119 -3.45 -16.15 5.06
CA ILE F 119 -2.88 -16.03 3.70
C ILE F 119 -2.14 -17.28 3.25
N ALA F 120 -1.63 -18.08 4.23
CA ALA F 120 -0.94 -19.33 3.97
C ALA F 120 -0.90 -20.11 5.23
N GLN F 121 -0.35 -21.31 5.16
CA GLN F 121 -0.16 -22.07 6.36
C GLN F 121 1.26 -22.57 6.42
N LEU F 122 1.73 -22.88 7.63
CA LEU F 122 3.08 -23.34 7.90
C LEU F 122 3.07 -24.74 8.52
N ILE F 123 3.83 -25.65 7.90
CA ILE F 123 4.02 -27.03 8.38
C ILE F 123 5.47 -27.26 8.78
N PHE F 124 5.66 -28.05 9.83
CA PHE F 124 6.98 -28.45 10.29
C PHE F 124 7.22 -29.87 9.83
N LEU F 125 7.99 -29.98 8.74
CA LEU F 125 8.33 -31.26 8.09
C LEU F 125 9.68 -31.86 8.51
N ARG F 126 9.75 -33.19 8.71
CA ARG F 126 11.00 -33.86 9.03
C ARG F 126 11.86 -34.02 7.76
N TYR F 127 13.12 -33.58 7.83
CA TYR F 127 14.08 -33.66 6.71
C TYR F 127 15.37 -34.28 7.22
N CYS F 128 16.25 -34.69 6.31
CA CYS F 128 17.57 -35.19 6.69
C CYS F 128 18.61 -34.11 6.52
N ASP F 129 19.31 -33.82 7.62
CA ASP F 129 20.42 -32.88 7.68
C ASP F 129 21.63 -33.75 7.41
N VAL F 130 22.01 -33.82 6.13
CA VAL F 130 23.10 -34.67 5.65
C VAL F 130 24.42 -34.41 6.38
N GLU F 131 25.03 -35.48 6.91
CA GLU F 131 26.30 -35.48 7.64
C GLU F 131 27.47 -35.80 6.72
N GLU F 132 27.28 -36.72 5.74
CA GLU F 132 28.32 -37.16 4.81
C GLU F 132 27.89 -37.03 3.37
N GLU F 133 28.70 -36.38 2.54
CA GLU F 133 28.38 -36.25 1.12
C GLU F 133 29.57 -36.56 0.25
N GLN F 134 29.29 -37.16 -0.90
CA GLN F 134 30.32 -37.56 -1.83
C GLN F 134 29.80 -37.28 -3.22
N ILE F 135 30.72 -36.92 -4.12
CA ILE F 135 30.44 -36.75 -5.54
C ILE F 135 31.32 -37.72 -6.27
N VAL F 136 30.72 -38.64 -7.05
CA VAL F 136 31.51 -39.58 -7.83
C VAL F 136 31.17 -39.51 -9.32
N TYR F 137 32.14 -39.82 -10.16
CA TYR F 137 31.94 -40.03 -11.58
C TYR F 137 32.08 -41.53 -11.77
N ILE F 138 31.14 -42.13 -12.50
CA ILE F 138 31.11 -43.56 -12.80
C ILE F 138 31.24 -43.72 -14.29
N ASN F 139 32.24 -44.52 -14.70
CA ASN F 139 32.51 -44.88 -16.06
C ASN F 139 31.33 -45.74 -16.50
N GLU F 140 30.61 -45.26 -17.50
CA GLU F 140 29.40 -45.84 -18.05
C GLU F 140 29.53 -47.29 -18.58
N THR F 141 30.75 -47.70 -18.99
CA THR F 141 31.02 -49.03 -19.49
C THR F 141 31.54 -50.02 -18.42
N THR F 142 32.64 -49.66 -17.74
CA THR F 142 33.32 -50.48 -16.72
C THR F 142 32.65 -50.50 -15.32
N GLY F 143 31.93 -49.43 -14.96
CA GLY F 143 31.33 -49.27 -13.64
C GLY F 143 32.29 -48.74 -12.59
N GLU F 144 33.52 -48.40 -13.01
CA GLU F 144 34.61 -47.88 -12.18
C GLU F 144 34.24 -46.50 -11.64
N ARG F 145 34.38 -46.35 -10.31
CA ARG F 145 34.02 -45.15 -9.58
C ARG F 145 35.22 -44.27 -9.31
N THR F 146 35.05 -42.94 -9.50
CA THR F 146 36.07 -41.95 -9.21
C THR F 146 35.44 -40.90 -8.29
N ILE F 147 35.91 -40.84 -7.02
CA ILE F 147 35.44 -39.85 -6.05
C ILE F 147 35.99 -38.49 -6.48
N ILE F 148 35.11 -37.57 -6.84
CA ILE F 148 35.42 -36.21 -7.28
C ILE F 148 35.75 -35.35 -6.04
N ASP F 149 34.86 -35.39 -5.04
CA ASP F 149 34.99 -34.71 -3.77
C ASP F 149 34.09 -35.32 -2.72
N SER F 150 34.39 -35.10 -1.44
CA SER F 150 33.62 -35.59 -0.31
C SER F 150 33.77 -34.64 0.85
N SER F 151 32.74 -34.51 1.70
CA SER F 151 32.79 -33.65 2.87
C SER F 151 31.95 -34.17 4.04
N SER F 152 32.37 -33.79 5.27
CA SER F 152 31.71 -34.13 6.52
C SER F 152 31.15 -32.86 7.18
N LYS F 153 29.93 -32.93 7.74
CA LYS F 153 29.30 -31.80 8.42
C LYS F 153 29.33 -32.03 9.94
#